data_1R69
# 
_entry.id   1R69 
# 
_audit_conform.dict_name       mmcif_pdbx.dic 
_audit_conform.dict_version    5.386 
_audit_conform.dict_location   http://mmcif.pdb.org/dictionaries/ascii/mmcif_pdbx.dic 
# 
loop_
_database_2.database_id 
_database_2.database_code 
_database_2.pdbx_database_accession 
_database_2.pdbx_DOI 
PDB   1R69         pdb_00001r69 10.2210/pdb1r69/pdb 
WWPDB D_1000175957 ?            ?                   
# 
loop_
_pdbx_audit_revision_history.ordinal 
_pdbx_audit_revision_history.data_content_type 
_pdbx_audit_revision_history.major_revision 
_pdbx_audit_revision_history.minor_revision 
_pdbx_audit_revision_history.revision_date 
1 'Structure model' 1 0 1989-10-15 
2 'Structure model' 1 1 2008-03-24 
3 'Structure model' 1 2 2011-07-13 
4 'Structure model' 1 3 2024-02-14 
# 
_pdbx_audit_revision_details.ordinal             1 
_pdbx_audit_revision_details.revision_ordinal    1 
_pdbx_audit_revision_details.data_content_type   'Structure model' 
_pdbx_audit_revision_details.provider            repository 
_pdbx_audit_revision_details.type                'Initial release' 
_pdbx_audit_revision_details.description         ? 
_pdbx_audit_revision_details.details             ? 
# 
loop_
_pdbx_audit_revision_group.ordinal 
_pdbx_audit_revision_group.revision_ordinal 
_pdbx_audit_revision_group.data_content_type 
_pdbx_audit_revision_group.group 
1 2 'Structure model' 'Version format compliance' 
2 3 'Structure model' 'Version format compliance' 
3 4 'Structure model' 'Data collection'           
4 4 'Structure model' 'Database references'       
5 4 'Structure model' Other                       
# 
loop_
_pdbx_audit_revision_category.ordinal 
_pdbx_audit_revision_category.revision_ordinal 
_pdbx_audit_revision_category.data_content_type 
_pdbx_audit_revision_category.category 
1 4 'Structure model' chem_comp_atom       
2 4 'Structure model' chem_comp_bond       
3 4 'Structure model' database_2           
4 4 'Structure model' pdbx_database_status 
# 
loop_
_pdbx_audit_revision_item.ordinal 
_pdbx_audit_revision_item.revision_ordinal 
_pdbx_audit_revision_item.data_content_type 
_pdbx_audit_revision_item.item 
1 4 'Structure model' '_database_2.pdbx_DOI'                
2 4 'Structure model' '_database_2.pdbx_database_accession' 
3 4 'Structure model' '_pdbx_database_status.process_site'  
# 
_pdbx_database_status.status_code                     REL 
_pdbx_database_status.entry_id                        1R69 
_pdbx_database_status.recvd_initial_deposition_date   1988-12-08 
_pdbx_database_status.deposit_site                    ? 
_pdbx_database_status.process_site                    BNL 
_pdbx_database_status.SG_entry                        . 
_pdbx_database_status.pdb_format_compatible           Y 
_pdbx_database_status.status_code_mr                  ? 
_pdbx_database_status.status_code_sf                  ? 
_pdbx_database_status.status_code_cs                  ? 
_pdbx_database_status.status_code_nmr_data            ? 
_pdbx_database_status.methods_development_category    ? 
# 
loop_
_audit_author.name 
_audit_author.pdbx_ordinal 
'Mondragon, A.'  1 
'Subbiah, S.'    2 
'Alamo, S.C.'    3 
'Drottar, M.'    4 
'Harrison, S.C.' 5 
# 
_citation.id                        primary 
_citation.title                     'Structure of the amino-terminal domain of phage 434 repressor at 2.0 A resolution.' 
_citation.journal_abbrev            J.Mol.Biol. 
_citation.journal_volume            205 
_citation.page_first                189 
_citation.page_last                 200 
_citation.year                      1989 
_citation.journal_id_ASTM           JMOBAK 
_citation.country                   UK 
_citation.journal_id_ISSN           0022-2836 
_citation.journal_id_CSD            0070 
_citation.book_publisher            ? 
_citation.pdbx_database_id_PubMed   2926803 
_citation.pdbx_database_id_DOI      '10.1016/0022-2836(89)90375-6' 
# 
loop_
_citation_author.citation_id 
_citation_author.name 
_citation_author.ordinal 
_citation_author.identifier_ORCID 
primary 'Mondragon, A.'  1 ? 
primary 'Subbiah, S.'    2 ? 
primary 'Almo, S.C.'     3 ? 
primary 'Drottar, M.'    4 ? 
primary 'Harrison, S.C.' 5 ? 
# 
loop_
_entity.id 
_entity.type 
_entity.src_method 
_entity.pdbx_description 
_entity.formula_weight 
_entity.pdbx_number_of_molecules 
_entity.pdbx_ec 
_entity.pdbx_mutation 
_entity.pdbx_fragment 
_entity.details 
1 polymer man 'REPRESSOR PROTEIN CI' 7560.542 1  ? ? ? ? 
2 water   nat water                  18.015   34 ? ? ? ? 
# 
_entity_poly.entity_id                      1 
_entity_poly.type                           'polypeptide(L)' 
_entity_poly.nstd_linkage                   no 
_entity_poly.nstd_monomer                   no 
_entity_poly.pdbx_seq_one_letter_code       SISSRVKSKRIQLGLNQAELAQKVGTTQQSIEQLENGKTKRPRFLPELASALGVSVDWLLNGTSDSNVR 
_entity_poly.pdbx_seq_one_letter_code_can   SISSRVKSKRIQLGLNQAELAQKVGTTQQSIEQLENGKTKRPRFLPELASALGVSVDWLLNGTSDSNVR 
_entity_poly.pdbx_strand_id                 A 
_entity_poly.pdbx_target_identifier         ? 
# 
_pdbx_entity_nonpoly.entity_id   2 
_pdbx_entity_nonpoly.name        water 
_pdbx_entity_nonpoly.comp_id     HOH 
# 
loop_
_entity_poly_seq.entity_id 
_entity_poly_seq.num 
_entity_poly_seq.mon_id 
_entity_poly_seq.hetero 
1 1  SER n 
1 2  ILE n 
1 3  SER n 
1 4  SER n 
1 5  ARG n 
1 6  VAL n 
1 7  LYS n 
1 8  SER n 
1 9  LYS n 
1 10 ARG n 
1 11 ILE n 
1 12 GLN n 
1 13 LEU n 
1 14 GLY n 
1 15 LEU n 
1 16 ASN n 
1 17 GLN n 
1 18 ALA n 
1 19 GLU n 
1 20 LEU n 
1 21 ALA n 
1 22 GLN n 
1 23 LYS n 
1 24 VAL n 
1 25 GLY n 
1 26 THR n 
1 27 THR n 
1 28 GLN n 
1 29 GLN n 
1 30 SER n 
1 31 ILE n 
1 32 GLU n 
1 33 GLN n 
1 34 LEU n 
1 35 GLU n 
1 36 ASN n 
1 37 GLY n 
1 38 LYS n 
1 39 THR n 
1 40 LYS n 
1 41 ARG n 
1 42 PRO n 
1 43 ARG n 
1 44 PHE n 
1 45 LEU n 
1 46 PRO n 
1 47 GLU n 
1 48 LEU n 
1 49 ALA n 
1 50 SER n 
1 51 ALA n 
1 52 LEU n 
1 53 GLY n 
1 54 VAL n 
1 55 SER n 
1 56 VAL n 
1 57 ASP n 
1 58 TRP n 
1 59 LEU n 
1 60 LEU n 
1 61 ASN n 
1 62 GLY n 
1 63 THR n 
1 64 SER n 
1 65 ASP n 
1 66 SER n 
1 67 ASN n 
1 68 VAL n 
1 69 ARG n 
# 
_entity_src_gen.entity_id                          1 
_entity_src_gen.pdbx_src_id                        1 
_entity_src_gen.pdbx_alt_source_flag               sample 
_entity_src_gen.pdbx_seq_type                      ? 
_entity_src_gen.pdbx_beg_seq_num                   ? 
_entity_src_gen.pdbx_end_seq_num                   ? 
_entity_src_gen.gene_src_common_name               ? 
_entity_src_gen.gene_src_genus                     'Lambda-like viruses' 
_entity_src_gen.pdbx_gene_src_gene                 ? 
_entity_src_gen.gene_src_species                   'Enterobacteria phage lambda' 
_entity_src_gen.gene_src_strain                    ? 
_entity_src_gen.gene_src_tissue                    ? 
_entity_src_gen.gene_src_tissue_fraction           ? 
_entity_src_gen.gene_src_details                   ? 
_entity_src_gen.pdbx_gene_src_fragment             ? 
_entity_src_gen.pdbx_gene_src_scientific_name      'Phage 434' 
_entity_src_gen.pdbx_gene_src_ncbi_taxonomy_id     10712 
_entity_src_gen.pdbx_gene_src_variant              ? 
_entity_src_gen.pdbx_gene_src_cell_line            ? 
_entity_src_gen.pdbx_gene_src_atcc                 ? 
_entity_src_gen.pdbx_gene_src_organ                ? 
_entity_src_gen.pdbx_gene_src_organelle            ? 
_entity_src_gen.pdbx_gene_src_cell                 ? 
_entity_src_gen.pdbx_gene_src_cellular_location    ? 
_entity_src_gen.host_org_common_name               ? 
_entity_src_gen.pdbx_host_org_scientific_name      ? 
_entity_src_gen.pdbx_host_org_ncbi_taxonomy_id     ? 
_entity_src_gen.host_org_genus                     ? 
_entity_src_gen.pdbx_host_org_gene                 ? 
_entity_src_gen.pdbx_host_org_organ                ? 
_entity_src_gen.host_org_species                   ? 
_entity_src_gen.pdbx_host_org_tissue               ? 
_entity_src_gen.pdbx_host_org_tissue_fraction      ? 
_entity_src_gen.pdbx_host_org_strain               ? 
_entity_src_gen.pdbx_host_org_variant              ? 
_entity_src_gen.pdbx_host_org_cell_line            ? 
_entity_src_gen.pdbx_host_org_atcc                 ? 
_entity_src_gen.pdbx_host_org_culture_collection   ? 
_entity_src_gen.pdbx_host_org_cell                 ? 
_entity_src_gen.pdbx_host_org_organelle            ? 
_entity_src_gen.pdbx_host_org_cellular_location    ? 
_entity_src_gen.pdbx_host_org_vector_type          ? 
_entity_src_gen.pdbx_host_org_vector               ? 
_entity_src_gen.host_org_details                   ? 
_entity_src_gen.expression_system_id               ? 
_entity_src_gen.plasmid_name                       ? 
_entity_src_gen.plasmid_details                    ? 
_entity_src_gen.pdbx_description                   ? 
# 
loop_
_chem_comp.id 
_chem_comp.type 
_chem_comp.mon_nstd_flag 
_chem_comp.name 
_chem_comp.pdbx_synonyms 
_chem_comp.formula 
_chem_comp.formula_weight 
ALA 'L-peptide linking' y ALANINE         ? 'C3 H7 N O2'     89.093  
ARG 'L-peptide linking' y ARGININE        ? 'C6 H15 N4 O2 1' 175.209 
ASN 'L-peptide linking' y ASPARAGINE      ? 'C4 H8 N2 O3'    132.118 
ASP 'L-peptide linking' y 'ASPARTIC ACID' ? 'C4 H7 N O4'     133.103 
GLN 'L-peptide linking' y GLUTAMINE       ? 'C5 H10 N2 O3'   146.144 
GLU 'L-peptide linking' y 'GLUTAMIC ACID' ? 'C5 H9 N O4'     147.129 
GLY 'peptide linking'   y GLYCINE         ? 'C2 H5 N O2'     75.067  
HOH non-polymer         . WATER           ? 'H2 O'           18.015  
ILE 'L-peptide linking' y ISOLEUCINE      ? 'C6 H13 N O2'    131.173 
LEU 'L-peptide linking' y LEUCINE         ? 'C6 H13 N O2'    131.173 
LYS 'L-peptide linking' y LYSINE          ? 'C6 H15 N2 O2 1' 147.195 
PHE 'L-peptide linking' y PHENYLALANINE   ? 'C9 H11 N O2'    165.189 
PRO 'L-peptide linking' y PROLINE         ? 'C5 H9 N O2'     115.130 
SER 'L-peptide linking' y SERINE          ? 'C3 H7 N O3'     105.093 
THR 'L-peptide linking' y THREONINE       ? 'C4 H9 N O3'     119.119 
TRP 'L-peptide linking' y TRYPTOPHAN      ? 'C11 H12 N2 O2'  204.225 
VAL 'L-peptide linking' y VALINE          ? 'C5 H11 N O2'    117.146 
# 
loop_
_pdbx_poly_seq_scheme.asym_id 
_pdbx_poly_seq_scheme.entity_id 
_pdbx_poly_seq_scheme.seq_id 
_pdbx_poly_seq_scheme.mon_id 
_pdbx_poly_seq_scheme.ndb_seq_num 
_pdbx_poly_seq_scheme.pdb_seq_num 
_pdbx_poly_seq_scheme.auth_seq_num 
_pdbx_poly_seq_scheme.pdb_mon_id 
_pdbx_poly_seq_scheme.auth_mon_id 
_pdbx_poly_seq_scheme.pdb_strand_id 
_pdbx_poly_seq_scheme.pdb_ins_code 
_pdbx_poly_seq_scheme.hetero 
A 1 1  SER 1  1  1  SER SER A . n 
A 1 2  ILE 2  2  2  ILE ILE A . n 
A 1 3  SER 3  3  3  SER SER A . n 
A 1 4  SER 4  4  4  SER SER A . n 
A 1 5  ARG 5  5  5  ARG ARG A . n 
A 1 6  VAL 6  6  6  VAL VAL A . n 
A 1 7  LYS 7  7  7  LYS LYS A . n 
A 1 8  SER 8  8  8  SER SER A . n 
A 1 9  LYS 9  9  9  LYS LYS A . n 
A 1 10 ARG 10 10 10 ARG ARG A . n 
A 1 11 ILE 11 11 11 ILE ILE A . n 
A 1 12 GLN 12 12 12 GLN GLN A . n 
A 1 13 LEU 13 13 13 LEU LEU A . n 
A 1 14 GLY 14 14 14 GLY GLY A . n 
A 1 15 LEU 15 15 15 LEU LEU A . n 
A 1 16 ASN 16 16 16 ASN ASN A . n 
A 1 17 GLN 17 17 17 GLN GLN A . n 
A 1 18 ALA 18 18 18 ALA ALA A . n 
A 1 19 GLU 19 19 19 GLU GLU A . n 
A 1 20 LEU 20 20 20 LEU LEU A . n 
A 1 21 ALA 21 21 21 ALA ALA A . n 
A 1 22 GLN 22 22 22 GLN GLN A . n 
A 1 23 LYS 23 23 23 LYS LYS A . n 
A 1 24 VAL 24 24 24 VAL VAL A . n 
A 1 25 GLY 25 25 25 GLY GLY A . n 
A 1 26 THR 26 26 26 THR THR A . n 
A 1 27 THR 27 27 27 THR THR A . n 
A 1 28 GLN 28 28 28 GLN GLN A . n 
A 1 29 GLN 29 29 29 GLN GLN A . n 
A 1 30 SER 30 30 30 SER SER A . n 
A 1 31 ILE 31 31 31 ILE ILE A . n 
A 1 32 GLU 32 32 32 GLU GLU A . n 
A 1 33 GLN 33 33 33 GLN GLN A . n 
A 1 34 LEU 34 34 34 LEU LEU A . n 
A 1 35 GLU 35 35 35 GLU GLU A . n 
A 1 36 ASN 36 36 36 ASN ASN A . n 
A 1 37 GLY 37 37 37 GLY GLY A . n 
A 1 38 LYS 38 38 38 LYS LYS A . n 
A 1 39 THR 39 39 39 THR THR A . n 
A 1 40 LYS 40 40 40 LYS LYS A . n 
A 1 41 ARG 41 41 41 ARG ARG A . n 
A 1 42 PRO 42 42 42 PRO PRO A . n 
A 1 43 ARG 43 43 43 ARG ARG A . n 
A 1 44 PHE 44 44 44 PHE PHE A . n 
A 1 45 LEU 45 45 45 LEU LEU A . n 
A 1 46 PRO 46 46 46 PRO PRO A . n 
A 1 47 GLU 47 47 47 GLU GLU A . n 
A 1 48 LEU 48 48 48 LEU LEU A . n 
A 1 49 ALA 49 49 49 ALA ALA A . n 
A 1 50 SER 50 50 50 SER SER A . n 
A 1 51 ALA 51 51 51 ALA ALA A . n 
A 1 52 LEU 52 52 52 LEU LEU A . n 
A 1 53 GLY 53 53 53 GLY GLY A . n 
A 1 54 VAL 54 54 54 VAL VAL A . n 
A 1 55 SER 55 55 55 SER SER A . n 
A 1 56 VAL 56 56 56 VAL VAL A . n 
A 1 57 ASP 57 57 57 ASP ASP A . n 
A 1 58 TRP 58 58 58 TRP TRP A . n 
A 1 59 LEU 59 59 59 LEU LEU A . n 
A 1 60 LEU 60 60 60 LEU LEU A . n 
A 1 61 ASN 61 61 61 ASN ASN A . n 
A 1 62 GLY 62 62 62 GLY GLY A . n 
A 1 63 THR 63 63 63 THR THR A . n 
A 1 64 SER 64 64 ?  ?   ?   A . n 
A 1 65 ASP 65 65 ?  ?   ?   A . n 
A 1 66 SER 66 66 ?  ?   ?   A . n 
A 1 67 ASN 67 67 ?  ?   ?   A . n 
A 1 68 VAL 68 68 ?  ?   ?   A . n 
A 1 69 ARG 69 69 ?  ?   ?   A . n 
# 
loop_
_pdbx_nonpoly_scheme.asym_id 
_pdbx_nonpoly_scheme.entity_id 
_pdbx_nonpoly_scheme.mon_id 
_pdbx_nonpoly_scheme.ndb_seq_num 
_pdbx_nonpoly_scheme.pdb_seq_num 
_pdbx_nonpoly_scheme.auth_seq_num 
_pdbx_nonpoly_scheme.pdb_mon_id 
_pdbx_nonpoly_scheme.auth_mon_id 
_pdbx_nonpoly_scheme.pdb_strand_id 
_pdbx_nonpoly_scheme.pdb_ins_code 
B 2 HOH 1  100 100 HOH HOH A . 
B 2 HOH 2  101 101 HOH HOH A . 
B 2 HOH 3  102 102 HOH HOH A . 
B 2 HOH 4  103 103 HOH HOH A . 
B 2 HOH 5  104 104 HOH HOH A . 
B 2 HOH 6  105 105 HOH HOH A . 
B 2 HOH 7  106 106 HOH HOH A . 
B 2 HOH 8  107 107 HOH HOH A . 
B 2 HOH 9  108 108 HOH HOH A . 
B 2 HOH 10 109 109 HOH HOH A . 
B 2 HOH 11 110 110 HOH HOH A . 
B 2 HOH 12 111 111 HOH HOH A . 
B 2 HOH 13 112 112 HOH HOH A . 
B 2 HOH 14 113 113 HOH HOH A . 
B 2 HOH 15 114 114 HOH HOH A . 
B 2 HOH 16 115 115 HOH HOH A . 
B 2 HOH 17 116 116 HOH HOH A . 
B 2 HOH 18 117 117 HOH HOH A . 
B 2 HOH 19 118 118 HOH HOH A . 
B 2 HOH 20 119 119 HOH HOH A . 
B 2 HOH 21 121 121 HOH HOH A . 
B 2 HOH 22 122 122 HOH HOH A . 
B 2 HOH 23 124 124 HOH HOH A . 
B 2 HOH 24 126 126 HOH HOH A . 
B 2 HOH 25 127 127 HOH HOH A . 
B 2 HOH 26 128 128 HOH HOH A . 
B 2 HOH 27 129 129 HOH HOH A . 
B 2 HOH 28 130 130 HOH HOH A . 
B 2 HOH 29 133 133 HOH HOH A . 
B 2 HOH 30 134 134 HOH HOH A . 
B 2 HOH 31 136 136 HOH HOH A . 
B 2 HOH 32 138 138 HOH HOH A . 
B 2 HOH 33 142 142 HOH HOH A . 
B 2 HOH 34 143 143 HOH HOH A . 
# 
_software.name             PROLSQ 
_software.classification   refinement 
_software.version          . 
_software.citation_id      ? 
_software.pdbx_ordinal     1 
# 
_cell.entry_id           1R69 
_cell.length_a           32.800 
_cell.length_b           37.500 
_cell.length_c           44.600 
_cell.angle_alpha        90.00 
_cell.angle_beta         90.00 
_cell.angle_gamma        90.00 
_cell.Z_PDB              4 
_cell.pdbx_unique_axis   ? 
# 
_symmetry.entry_id                         1R69 
_symmetry.space_group_name_H-M             'P 21 21 21' 
_symmetry.pdbx_full_space_group_name_H-M   ? 
_symmetry.cell_setting                     ? 
_symmetry.Int_Tables_number                19 
# 
_exptl.entry_id          1R69 
_exptl.method            'X-RAY DIFFRACTION' 
_exptl.crystals_number   ? 
# 
_exptl_crystal.id                    1 
_exptl_crystal.density_meas          ? 
_exptl_crystal.density_Matthews      1.81 
_exptl_crystal.density_percent_sol   32.17 
_exptl_crystal.description           ? 
# 
_diffrn.id                     1 
_diffrn.ambient_temp           ? 
_diffrn.ambient_temp_details   ? 
_diffrn.crystal_id             1 
# 
_diffrn_radiation.diffrn_id                        1 
_diffrn_radiation.wavelength_id                    1 
_diffrn_radiation.pdbx_monochromatic_or_laue_m_l   ? 
_diffrn_radiation.monochromator                    ? 
_diffrn_radiation.pdbx_diffrn_protocol             ? 
_diffrn_radiation.pdbx_scattering_type             x-ray 
# 
_diffrn_radiation_wavelength.id           1 
_diffrn_radiation_wavelength.wavelength   . 
_diffrn_radiation_wavelength.wt           1.0 
# 
_refine.entry_id                                 1R69 
_refine.ls_number_reflns_obs                     ? 
_refine.ls_number_reflns_all                     ? 
_refine.pdbx_ls_sigma_I                          ? 
_refine.pdbx_ls_sigma_F                          ? 
_refine.pdbx_data_cutoff_high_absF               ? 
_refine.pdbx_data_cutoff_low_absF                ? 
_refine.pdbx_data_cutoff_high_rms_absF           ? 
_refine.ls_d_res_low                             ? 
_refine.ls_d_res_high                            2.0 
_refine.ls_percent_reflns_obs                    ? 
_refine.ls_R_factor_obs                          0.1930000 
_refine.ls_R_factor_all                          ? 
_refine.ls_R_factor_R_work                       ? 
_refine.ls_R_factor_R_free                       ? 
_refine.ls_R_factor_R_free_error                 ? 
_refine.ls_R_factor_R_free_error_details         ? 
_refine.ls_percent_reflns_R_free                 ? 
_refine.ls_number_reflns_R_free                  ? 
_refine.ls_number_parameters                     ? 
_refine.ls_number_restraints                     ? 
_refine.occupancy_min                            ? 
_refine.occupancy_max                            ? 
_refine.B_iso_mean                               ? 
_refine.aniso_B[1][1]                            ? 
_refine.aniso_B[2][2]                            ? 
_refine.aniso_B[3][3]                            ? 
_refine.aniso_B[1][2]                            ? 
_refine.aniso_B[1][3]                            ? 
_refine.aniso_B[2][3]                            ? 
_refine.solvent_model_details                    ? 
_refine.solvent_model_param_ksol                 ? 
_refine.solvent_model_param_bsol                 ? 
_refine.pdbx_ls_cross_valid_method               ? 
_refine.details                                  ? 
_refine.pdbx_starting_model                      ? 
_refine.pdbx_method_to_determine_struct          ? 
_refine.pdbx_isotropic_thermal_model             ? 
_refine.pdbx_stereochemistry_target_values       ? 
_refine.pdbx_stereochem_target_val_spec_case     ? 
_refine.pdbx_R_Free_selection_details            ? 
_refine.pdbx_overall_ESU_R                       ? 
_refine.pdbx_overall_ESU_R_Free                  ? 
_refine.overall_SU_ML                            ? 
_refine.overall_SU_B                             ? 
_refine.pdbx_refine_id                           'X-RAY DIFFRACTION' 
_refine.pdbx_diffrn_id                           1 
_refine.pdbx_TLS_residual_ADP_flag               ? 
_refine.correlation_coeff_Fo_to_Fc               ? 
_refine.correlation_coeff_Fo_to_Fc_free          ? 
_refine.pdbx_solvent_vdw_probe_radii             ? 
_refine.pdbx_solvent_ion_probe_radii             ? 
_refine.pdbx_solvent_shrinkage_radii             ? 
_refine.pdbx_overall_phase_error                 ? 
_refine.overall_SU_R_Cruickshank_DPI             ? 
_refine.pdbx_overall_SU_R_free_Cruickshank_DPI   ? 
_refine.pdbx_overall_SU_R_Blow_DPI               ? 
_refine.pdbx_overall_SU_R_free_Blow_DPI          ? 
# 
_refine_hist.pdbx_refine_id                   'X-RAY DIFFRACTION' 
_refine_hist.cycle_id                         LAST 
_refine_hist.pdbx_number_atoms_protein        484 
_refine_hist.pdbx_number_atoms_nucleic_acid   0 
_refine_hist.pdbx_number_atoms_ligand         0 
_refine_hist.number_atoms_solvent             34 
_refine_hist.number_atoms_total               518 
_refine_hist.d_res_high                       2.0 
_refine_hist.d_res_low                        . 
# 
loop_
_refine_ls_restr.type 
_refine_ls_restr.dev_ideal 
_refine_ls_restr.dev_ideal_target 
_refine_ls_restr.weight 
_refine_ls_restr.number 
_refine_ls_restr.pdbx_refine_id 
_refine_ls_restr.pdbx_restraint_function 
p_bond_d            0.007 0.020  ? ? 'X-RAY DIFFRACTION' ? 
p_angle_d           0.027 0.040  ? ? 'X-RAY DIFFRACTION' ? 
p_angle_deg         ?     ?      ? ? 'X-RAY DIFFRACTION' ? 
p_planar_d          0.030 0.050  ? ? 'X-RAY DIFFRACTION' ? 
p_hb_or_metal_coord ?     ?      ? ? 'X-RAY DIFFRACTION' ? 
p_mcbond_it         2.320 5.000  ? ? 'X-RAY DIFFRACTION' ? 
p_mcangle_it        3.340 10.000 ? ? 'X-RAY DIFFRACTION' ? 
p_scbond_it         3.320 5.000  ? ? 'X-RAY DIFFRACTION' ? 
p_scangle_it        4.840 10.000 ? ? 'X-RAY DIFFRACTION' ? 
p_plane_restr       0.005 0.020  ? ? 'X-RAY DIFFRACTION' ? 
p_chiral_restr      0.101 0.150  ? ? 'X-RAY DIFFRACTION' ? 
p_singtor_nbd       0.173 0.500  ? ? 'X-RAY DIFFRACTION' ? 
p_multtor_nbd       0.287 0.500  ? ? 'X-RAY DIFFRACTION' ? 
p_xhyhbond_nbd      0.248 0.500  ? ? 'X-RAY DIFFRACTION' ? 
p_xyhbond_nbd       ?     ?      ? ? 'X-RAY DIFFRACTION' ? 
p_planar_tor        1.1   3.0    ? ? 'X-RAY DIFFRACTION' ? 
p_staggered_tor     15.8  15.0   ? ? 'X-RAY DIFFRACTION' ? 
p_orthonormal_tor   ?     ?      ? ? 'X-RAY DIFFRACTION' ? 
p_transverse_tor    ?     ?      ? ? 'X-RAY DIFFRACTION' ? 
p_special_tor       ?     ?      ? ? 'X-RAY DIFFRACTION' ? 
# 
_struct.entry_id                  1R69 
_struct.title                     'STRUCTURE OF THE AMINO-TERMINAL DOMAIN OF PHAGE 434 REPRESSOR AT 2.0 ANGSTROMS RESOLUTION' 
_struct.pdbx_model_details        ? 
_struct.pdbx_CASP_flag            ? 
_struct.pdbx_model_type_details   ? 
# 
_struct_keywords.entry_id        1R69 
_struct_keywords.pdbx_keywords   'GENE REGULATING PROTEIN' 
_struct_keywords.text            'GENE REGULATING PROTEIN' 
# 
loop_
_struct_asym.id 
_struct_asym.pdbx_blank_PDB_chainid_flag 
_struct_asym.pdbx_modified 
_struct_asym.entity_id 
_struct_asym.details 
A N N 1 ? 
B N N 2 ? 
# 
_struct_ref.id                         1 
_struct_ref.db_name                    UNP 
_struct_ref.db_code                    RPC1_BP434 
_struct_ref.entity_id                  1 
_struct_ref.pdbx_db_accession          P16117 
_struct_ref.pdbx_align_begin           1 
_struct_ref.pdbx_seq_one_letter_code   
;SISSRVKSKRIQLGLNQAELAQKVGTTQQSIEQLENGKTKRPRFLPELASALGVSVDWLLNGTSDSNVRFVGHVEPKGKY
PLISMVRAGSWCEA
;
_struct_ref.pdbx_db_isoform            ? 
# 
_struct_ref_seq.align_id                      1 
_struct_ref_seq.ref_id                        1 
_struct_ref_seq.pdbx_PDB_id_code              1R69 
_struct_ref_seq.pdbx_strand_id                A 
_struct_ref_seq.seq_align_beg                 1 
_struct_ref_seq.pdbx_seq_align_beg_ins_code   ? 
_struct_ref_seq.seq_align_end                 69 
_struct_ref_seq.pdbx_seq_align_end_ins_code   ? 
_struct_ref_seq.pdbx_db_accession             P16117 
_struct_ref_seq.db_align_beg                  1 
_struct_ref_seq.pdbx_db_align_beg_ins_code    ? 
_struct_ref_seq.db_align_end                  69 
_struct_ref_seq.pdbx_db_align_end_ins_code    ? 
_struct_ref_seq.pdbx_auth_seq_align_beg       1 
_struct_ref_seq.pdbx_auth_seq_align_end       69 
# 
_pdbx_struct_assembly.id                   1 
_pdbx_struct_assembly.details              author_defined_assembly 
_pdbx_struct_assembly.method_details       ? 
_pdbx_struct_assembly.oligomeric_details   monomeric 
_pdbx_struct_assembly.oligomeric_count     1 
# 
_pdbx_struct_assembly_gen.assembly_id       1 
_pdbx_struct_assembly_gen.oper_expression   1 
_pdbx_struct_assembly_gen.asym_id_list      A,B 
# 
_pdbx_struct_oper_list.id                   1 
_pdbx_struct_oper_list.type                 'identity operation' 
_pdbx_struct_oper_list.name                 1_555 
_pdbx_struct_oper_list.symmetry_operation   x,y,z 
_pdbx_struct_oper_list.matrix[1][1]         1.0000000000 
_pdbx_struct_oper_list.matrix[1][2]         0.0000000000 
_pdbx_struct_oper_list.matrix[1][3]         0.0000000000 
_pdbx_struct_oper_list.vector[1]            0.0000000000 
_pdbx_struct_oper_list.matrix[2][1]         0.0000000000 
_pdbx_struct_oper_list.matrix[2][2]         1.0000000000 
_pdbx_struct_oper_list.matrix[2][3]         0.0000000000 
_pdbx_struct_oper_list.vector[2]            0.0000000000 
_pdbx_struct_oper_list.matrix[3][1]         0.0000000000 
_pdbx_struct_oper_list.matrix[3][2]         0.0000000000 
_pdbx_struct_oper_list.matrix[3][3]         1.0000000000 
_pdbx_struct_oper_list.vector[3]            0.0000000000 
# 
_struct_biol.id   1 
# 
loop_
_struct_conf.conf_type_id 
_struct_conf.id 
_struct_conf.pdbx_PDB_helix_id 
_struct_conf.beg_label_comp_id 
_struct_conf.beg_label_asym_id 
_struct_conf.beg_label_seq_id 
_struct_conf.pdbx_beg_PDB_ins_code 
_struct_conf.end_label_comp_id 
_struct_conf.end_label_asym_id 
_struct_conf.end_label_seq_id 
_struct_conf.pdbx_end_PDB_ins_code 
_struct_conf.beg_auth_comp_id 
_struct_conf.beg_auth_asym_id 
_struct_conf.beg_auth_seq_id 
_struct_conf.end_auth_comp_id 
_struct_conf.end_auth_asym_id 
_struct_conf.end_auth_seq_id 
_struct_conf.pdbx_PDB_helix_class 
_struct_conf.details 
_struct_conf.pdbx_PDB_helix_length 
HELX_P HELX_P1 H1 SER A 1  ? GLN A 12 ? SER A 1  GLN A 12 1 ? 12 
HELX_P HELX_P2 H2 ASN A 16 ? GLN A 22 ? ASN A 16 GLN A 22 1 ? 7  
HELX_P HELX_P3 H3 GLN A 28 ? ASN A 36 ? GLN A 28 ASN A 36 1 ? 9  
HELX_P HELX_P4 H4 LEU A 45 ? ALA A 51 ? LEU A 45 ALA A 51 1 ? 7  
HELX_P HELX_P5 H5 VAL A 56 ? ASN A 61 ? VAL A 56 ASN A 61 1 ? 6  
# 
_struct_conf_type.id          HELX_P 
_struct_conf_type.criteria    ? 
_struct_conf_type.reference   ? 
# 
loop_
_pdbx_validate_symm_contact.id 
_pdbx_validate_symm_contact.PDB_model_num 
_pdbx_validate_symm_contact.auth_atom_id_1 
_pdbx_validate_symm_contact.auth_asym_id_1 
_pdbx_validate_symm_contact.auth_comp_id_1 
_pdbx_validate_symm_contact.auth_seq_id_1 
_pdbx_validate_symm_contact.PDB_ins_code_1 
_pdbx_validate_symm_contact.label_alt_id_1 
_pdbx_validate_symm_contact.site_symmetry_1 
_pdbx_validate_symm_contact.auth_atom_id_2 
_pdbx_validate_symm_contact.auth_asym_id_2 
_pdbx_validate_symm_contact.auth_comp_id_2 
_pdbx_validate_symm_contact.auth_seq_id_2 
_pdbx_validate_symm_contact.PDB_ins_code_2 
_pdbx_validate_symm_contact.label_alt_id_2 
_pdbx_validate_symm_contact.site_symmetry_2 
_pdbx_validate_symm_contact.dist 
1  1 OG  A SER 3  ? ? 1_555 OG1 A THR 63  ? ? 4_446 1.57 
2  1 OG  A SER 3  ? ? 1_555 CG2 A THR 63  ? ? 4_446 1.70 
3  1 NE1 A TRP 58 ? ? 1_555 O   A HOH 117 ? ? 4_546 1.79 
4  1 OG  A SER 3  ? ? 1_555 CB  A THR 63  ? ? 4_446 1.86 
5  1 OE1 A GLN 22 ? ? 1_555 O   A GLY 53  ? ? 4_456 1.90 
6  1 O   A SER 8  ? ? 1_555 O   A HOH 108 ? ? 2_455 1.96 
7  1 CE  A LYS 23 ? ? 1_555 OE1 A GLU 32  ? ? 4_556 1.98 
8  1 CB  A GLN 29 ? ? 1_555 O   A HOH 138 ? ? 4_456 2.03 
9  1 O   A ILE 11 ? ? 1_555 NH1 A ARG 41  ? ? 2_455 2.04 
10 1 OE1 A GLU 47 ? ? 1_555 O   A HOH 134 ? ? 2_454 2.07 
11 1 CE  A LYS 23 ? ? 1_555 OE1 A GLN 28  ? ? 4_556 2.08 
12 1 CB  A SER 3  ? ? 1_555 OG1 A THR 63  ? ? 4_446 2.08 
13 1 OE1 A GLN 22 ? ? 1_555 CA  A GLY 53  ? ? 4_456 2.15 
14 1 O   A ASN 36 ? ? 1_555 O   A ASN 61  ? ? 4_446 2.17 
15 1 OE1 A GLN 22 ? ? 1_555 C   A GLY 53  ? ? 4_456 2.18 
# 
loop_
_pdbx_validate_rmsd_angle.id 
_pdbx_validate_rmsd_angle.PDB_model_num 
_pdbx_validate_rmsd_angle.auth_atom_id_1 
_pdbx_validate_rmsd_angle.auth_asym_id_1 
_pdbx_validate_rmsd_angle.auth_comp_id_1 
_pdbx_validate_rmsd_angle.auth_seq_id_1 
_pdbx_validate_rmsd_angle.PDB_ins_code_1 
_pdbx_validate_rmsd_angle.label_alt_id_1 
_pdbx_validate_rmsd_angle.auth_atom_id_2 
_pdbx_validate_rmsd_angle.auth_asym_id_2 
_pdbx_validate_rmsd_angle.auth_comp_id_2 
_pdbx_validate_rmsd_angle.auth_seq_id_2 
_pdbx_validate_rmsd_angle.PDB_ins_code_2 
_pdbx_validate_rmsd_angle.label_alt_id_2 
_pdbx_validate_rmsd_angle.auth_atom_id_3 
_pdbx_validate_rmsd_angle.auth_asym_id_3 
_pdbx_validate_rmsd_angle.auth_comp_id_3 
_pdbx_validate_rmsd_angle.auth_seq_id_3 
_pdbx_validate_rmsd_angle.PDB_ins_code_3 
_pdbx_validate_rmsd_angle.label_alt_id_3 
_pdbx_validate_rmsd_angle.angle_value 
_pdbx_validate_rmsd_angle.angle_target_value 
_pdbx_validate_rmsd_angle.angle_deviation 
_pdbx_validate_rmsd_angle.angle_standard_deviation 
_pdbx_validate_rmsd_angle.linker_flag 
1 1 CD A ARG 5 ? ? NE A ARG 5 ? ? CZ  A ARG 5 ? ? 136.42 123.60 12.82 1.40 N 
2 1 NE A ARG 5 ? ? CZ A ARG 5 ? ? NH1 A ARG 5 ? ? 125.13 120.30 4.83  0.50 N 
# 
_pdbx_validate_torsion.id              1 
_pdbx_validate_torsion.PDB_model_num   1 
_pdbx_validate_torsion.auth_comp_id    PHE 
_pdbx_validate_torsion.auth_asym_id    A 
_pdbx_validate_torsion.auth_seq_id     44 
_pdbx_validate_torsion.PDB_ins_code    ? 
_pdbx_validate_torsion.label_alt_id    ? 
_pdbx_validate_torsion.phi             -91.29 
_pdbx_validate_torsion.psi             34.21 
# 
loop_
_pdbx_unobs_or_zero_occ_residues.id 
_pdbx_unobs_or_zero_occ_residues.PDB_model_num 
_pdbx_unobs_or_zero_occ_residues.polymer_flag 
_pdbx_unobs_or_zero_occ_residues.occupancy_flag 
_pdbx_unobs_or_zero_occ_residues.auth_asym_id 
_pdbx_unobs_or_zero_occ_residues.auth_comp_id 
_pdbx_unobs_or_zero_occ_residues.auth_seq_id 
_pdbx_unobs_or_zero_occ_residues.PDB_ins_code 
_pdbx_unobs_or_zero_occ_residues.label_asym_id 
_pdbx_unobs_or_zero_occ_residues.label_comp_id 
_pdbx_unobs_or_zero_occ_residues.label_seq_id 
1 1 Y 1 A SER 64 ? A SER 64 
2 1 Y 1 A ASP 65 ? A ASP 65 
3 1 Y 1 A SER 66 ? A SER 66 
4 1 Y 1 A ASN 67 ? A ASN 67 
5 1 Y 1 A VAL 68 ? A VAL 68 
6 1 Y 1 A ARG 69 ? A ARG 69 
# 
loop_
_chem_comp_atom.comp_id 
_chem_comp_atom.atom_id 
_chem_comp_atom.type_symbol 
_chem_comp_atom.pdbx_aromatic_flag 
_chem_comp_atom.pdbx_stereo_config 
_chem_comp_atom.pdbx_ordinal 
ALA N    N N N 1   
ALA CA   C N S 2   
ALA C    C N N 3   
ALA O    O N N 4   
ALA CB   C N N 5   
ALA OXT  O N N 6   
ALA H    H N N 7   
ALA H2   H N N 8   
ALA HA   H N N 9   
ALA HB1  H N N 10  
ALA HB2  H N N 11  
ALA HB3  H N N 12  
ALA HXT  H N N 13  
ARG N    N N N 14  
ARG CA   C N S 15  
ARG C    C N N 16  
ARG O    O N N 17  
ARG CB   C N N 18  
ARG CG   C N N 19  
ARG CD   C N N 20  
ARG NE   N N N 21  
ARG CZ   C N N 22  
ARG NH1  N N N 23  
ARG NH2  N N N 24  
ARG OXT  O N N 25  
ARG H    H N N 26  
ARG H2   H N N 27  
ARG HA   H N N 28  
ARG HB2  H N N 29  
ARG HB3  H N N 30  
ARG HG2  H N N 31  
ARG HG3  H N N 32  
ARG HD2  H N N 33  
ARG HD3  H N N 34  
ARG HE   H N N 35  
ARG HH11 H N N 36  
ARG HH12 H N N 37  
ARG HH21 H N N 38  
ARG HH22 H N N 39  
ARG HXT  H N N 40  
ASN N    N N N 41  
ASN CA   C N S 42  
ASN C    C N N 43  
ASN O    O N N 44  
ASN CB   C N N 45  
ASN CG   C N N 46  
ASN OD1  O N N 47  
ASN ND2  N N N 48  
ASN OXT  O N N 49  
ASN H    H N N 50  
ASN H2   H N N 51  
ASN HA   H N N 52  
ASN HB2  H N N 53  
ASN HB3  H N N 54  
ASN HD21 H N N 55  
ASN HD22 H N N 56  
ASN HXT  H N N 57  
ASP N    N N N 58  
ASP CA   C N S 59  
ASP C    C N N 60  
ASP O    O N N 61  
ASP CB   C N N 62  
ASP CG   C N N 63  
ASP OD1  O N N 64  
ASP OD2  O N N 65  
ASP OXT  O N N 66  
ASP H    H N N 67  
ASP H2   H N N 68  
ASP HA   H N N 69  
ASP HB2  H N N 70  
ASP HB3  H N N 71  
ASP HD2  H N N 72  
ASP HXT  H N N 73  
GLN N    N N N 74  
GLN CA   C N S 75  
GLN C    C N N 76  
GLN O    O N N 77  
GLN CB   C N N 78  
GLN CG   C N N 79  
GLN CD   C N N 80  
GLN OE1  O N N 81  
GLN NE2  N N N 82  
GLN OXT  O N N 83  
GLN H    H N N 84  
GLN H2   H N N 85  
GLN HA   H N N 86  
GLN HB2  H N N 87  
GLN HB3  H N N 88  
GLN HG2  H N N 89  
GLN HG3  H N N 90  
GLN HE21 H N N 91  
GLN HE22 H N N 92  
GLN HXT  H N N 93  
GLU N    N N N 94  
GLU CA   C N S 95  
GLU C    C N N 96  
GLU O    O N N 97  
GLU CB   C N N 98  
GLU CG   C N N 99  
GLU CD   C N N 100 
GLU OE1  O N N 101 
GLU OE2  O N N 102 
GLU OXT  O N N 103 
GLU H    H N N 104 
GLU H2   H N N 105 
GLU HA   H N N 106 
GLU HB2  H N N 107 
GLU HB3  H N N 108 
GLU HG2  H N N 109 
GLU HG3  H N N 110 
GLU HE2  H N N 111 
GLU HXT  H N N 112 
GLY N    N N N 113 
GLY CA   C N N 114 
GLY C    C N N 115 
GLY O    O N N 116 
GLY OXT  O N N 117 
GLY H    H N N 118 
GLY H2   H N N 119 
GLY HA2  H N N 120 
GLY HA3  H N N 121 
GLY HXT  H N N 122 
HOH O    O N N 123 
HOH H1   H N N 124 
HOH H2   H N N 125 
ILE N    N N N 126 
ILE CA   C N S 127 
ILE C    C N N 128 
ILE O    O N N 129 
ILE CB   C N S 130 
ILE CG1  C N N 131 
ILE CG2  C N N 132 
ILE CD1  C N N 133 
ILE OXT  O N N 134 
ILE H    H N N 135 
ILE H2   H N N 136 
ILE HA   H N N 137 
ILE HB   H N N 138 
ILE HG12 H N N 139 
ILE HG13 H N N 140 
ILE HG21 H N N 141 
ILE HG22 H N N 142 
ILE HG23 H N N 143 
ILE HD11 H N N 144 
ILE HD12 H N N 145 
ILE HD13 H N N 146 
ILE HXT  H N N 147 
LEU N    N N N 148 
LEU CA   C N S 149 
LEU C    C N N 150 
LEU O    O N N 151 
LEU CB   C N N 152 
LEU CG   C N N 153 
LEU CD1  C N N 154 
LEU CD2  C N N 155 
LEU OXT  O N N 156 
LEU H    H N N 157 
LEU H2   H N N 158 
LEU HA   H N N 159 
LEU HB2  H N N 160 
LEU HB3  H N N 161 
LEU HG   H N N 162 
LEU HD11 H N N 163 
LEU HD12 H N N 164 
LEU HD13 H N N 165 
LEU HD21 H N N 166 
LEU HD22 H N N 167 
LEU HD23 H N N 168 
LEU HXT  H N N 169 
LYS N    N N N 170 
LYS CA   C N S 171 
LYS C    C N N 172 
LYS O    O N N 173 
LYS CB   C N N 174 
LYS CG   C N N 175 
LYS CD   C N N 176 
LYS CE   C N N 177 
LYS NZ   N N N 178 
LYS OXT  O N N 179 
LYS H    H N N 180 
LYS H2   H N N 181 
LYS HA   H N N 182 
LYS HB2  H N N 183 
LYS HB3  H N N 184 
LYS HG2  H N N 185 
LYS HG3  H N N 186 
LYS HD2  H N N 187 
LYS HD3  H N N 188 
LYS HE2  H N N 189 
LYS HE3  H N N 190 
LYS HZ1  H N N 191 
LYS HZ2  H N N 192 
LYS HZ3  H N N 193 
LYS HXT  H N N 194 
PHE N    N N N 195 
PHE CA   C N S 196 
PHE C    C N N 197 
PHE O    O N N 198 
PHE CB   C N N 199 
PHE CG   C Y N 200 
PHE CD1  C Y N 201 
PHE CD2  C Y N 202 
PHE CE1  C Y N 203 
PHE CE2  C Y N 204 
PHE CZ   C Y N 205 
PHE OXT  O N N 206 
PHE H    H N N 207 
PHE H2   H N N 208 
PHE HA   H N N 209 
PHE HB2  H N N 210 
PHE HB3  H N N 211 
PHE HD1  H N N 212 
PHE HD2  H N N 213 
PHE HE1  H N N 214 
PHE HE2  H N N 215 
PHE HZ   H N N 216 
PHE HXT  H N N 217 
PRO N    N N N 218 
PRO CA   C N S 219 
PRO C    C N N 220 
PRO O    O N N 221 
PRO CB   C N N 222 
PRO CG   C N N 223 
PRO CD   C N N 224 
PRO OXT  O N N 225 
PRO H    H N N 226 
PRO HA   H N N 227 
PRO HB2  H N N 228 
PRO HB3  H N N 229 
PRO HG2  H N N 230 
PRO HG3  H N N 231 
PRO HD2  H N N 232 
PRO HD3  H N N 233 
PRO HXT  H N N 234 
SER N    N N N 235 
SER CA   C N S 236 
SER C    C N N 237 
SER O    O N N 238 
SER CB   C N N 239 
SER OG   O N N 240 
SER OXT  O N N 241 
SER H    H N N 242 
SER H2   H N N 243 
SER HA   H N N 244 
SER HB2  H N N 245 
SER HB3  H N N 246 
SER HG   H N N 247 
SER HXT  H N N 248 
THR N    N N N 249 
THR CA   C N S 250 
THR C    C N N 251 
THR O    O N N 252 
THR CB   C N R 253 
THR OG1  O N N 254 
THR CG2  C N N 255 
THR OXT  O N N 256 
THR H    H N N 257 
THR H2   H N N 258 
THR HA   H N N 259 
THR HB   H N N 260 
THR HG1  H N N 261 
THR HG21 H N N 262 
THR HG22 H N N 263 
THR HG23 H N N 264 
THR HXT  H N N 265 
TRP N    N N N 266 
TRP CA   C N S 267 
TRP C    C N N 268 
TRP O    O N N 269 
TRP CB   C N N 270 
TRP CG   C Y N 271 
TRP CD1  C Y N 272 
TRP CD2  C Y N 273 
TRP NE1  N Y N 274 
TRP CE2  C Y N 275 
TRP CE3  C Y N 276 
TRP CZ2  C Y N 277 
TRP CZ3  C Y N 278 
TRP CH2  C Y N 279 
TRP OXT  O N N 280 
TRP H    H N N 281 
TRP H2   H N N 282 
TRP HA   H N N 283 
TRP HB2  H N N 284 
TRP HB3  H N N 285 
TRP HD1  H N N 286 
TRP HE1  H N N 287 
TRP HE3  H N N 288 
TRP HZ2  H N N 289 
TRP HZ3  H N N 290 
TRP HH2  H N N 291 
TRP HXT  H N N 292 
VAL N    N N N 293 
VAL CA   C N S 294 
VAL C    C N N 295 
VAL O    O N N 296 
VAL CB   C N N 297 
VAL CG1  C N N 298 
VAL CG2  C N N 299 
VAL OXT  O N N 300 
VAL H    H N N 301 
VAL H2   H N N 302 
VAL HA   H N N 303 
VAL HB   H N N 304 
VAL HG11 H N N 305 
VAL HG12 H N N 306 
VAL HG13 H N N 307 
VAL HG21 H N N 308 
VAL HG22 H N N 309 
VAL HG23 H N N 310 
VAL HXT  H N N 311 
# 
loop_
_chem_comp_bond.comp_id 
_chem_comp_bond.atom_id_1 
_chem_comp_bond.atom_id_2 
_chem_comp_bond.value_order 
_chem_comp_bond.pdbx_aromatic_flag 
_chem_comp_bond.pdbx_stereo_config 
_chem_comp_bond.pdbx_ordinal 
ALA N   CA   sing N N 1   
ALA N   H    sing N N 2   
ALA N   H2   sing N N 3   
ALA CA  C    sing N N 4   
ALA CA  CB   sing N N 5   
ALA CA  HA   sing N N 6   
ALA C   O    doub N N 7   
ALA C   OXT  sing N N 8   
ALA CB  HB1  sing N N 9   
ALA CB  HB2  sing N N 10  
ALA CB  HB3  sing N N 11  
ALA OXT HXT  sing N N 12  
ARG N   CA   sing N N 13  
ARG N   H    sing N N 14  
ARG N   H2   sing N N 15  
ARG CA  C    sing N N 16  
ARG CA  CB   sing N N 17  
ARG CA  HA   sing N N 18  
ARG C   O    doub N N 19  
ARG C   OXT  sing N N 20  
ARG CB  CG   sing N N 21  
ARG CB  HB2  sing N N 22  
ARG CB  HB3  sing N N 23  
ARG CG  CD   sing N N 24  
ARG CG  HG2  sing N N 25  
ARG CG  HG3  sing N N 26  
ARG CD  NE   sing N N 27  
ARG CD  HD2  sing N N 28  
ARG CD  HD3  sing N N 29  
ARG NE  CZ   sing N N 30  
ARG NE  HE   sing N N 31  
ARG CZ  NH1  sing N N 32  
ARG CZ  NH2  doub N N 33  
ARG NH1 HH11 sing N N 34  
ARG NH1 HH12 sing N N 35  
ARG NH2 HH21 sing N N 36  
ARG NH2 HH22 sing N N 37  
ARG OXT HXT  sing N N 38  
ASN N   CA   sing N N 39  
ASN N   H    sing N N 40  
ASN N   H2   sing N N 41  
ASN CA  C    sing N N 42  
ASN CA  CB   sing N N 43  
ASN CA  HA   sing N N 44  
ASN C   O    doub N N 45  
ASN C   OXT  sing N N 46  
ASN CB  CG   sing N N 47  
ASN CB  HB2  sing N N 48  
ASN CB  HB3  sing N N 49  
ASN CG  OD1  doub N N 50  
ASN CG  ND2  sing N N 51  
ASN ND2 HD21 sing N N 52  
ASN ND2 HD22 sing N N 53  
ASN OXT HXT  sing N N 54  
ASP N   CA   sing N N 55  
ASP N   H    sing N N 56  
ASP N   H2   sing N N 57  
ASP CA  C    sing N N 58  
ASP CA  CB   sing N N 59  
ASP CA  HA   sing N N 60  
ASP C   O    doub N N 61  
ASP C   OXT  sing N N 62  
ASP CB  CG   sing N N 63  
ASP CB  HB2  sing N N 64  
ASP CB  HB3  sing N N 65  
ASP CG  OD1  doub N N 66  
ASP CG  OD2  sing N N 67  
ASP OD2 HD2  sing N N 68  
ASP OXT HXT  sing N N 69  
GLN N   CA   sing N N 70  
GLN N   H    sing N N 71  
GLN N   H2   sing N N 72  
GLN CA  C    sing N N 73  
GLN CA  CB   sing N N 74  
GLN CA  HA   sing N N 75  
GLN C   O    doub N N 76  
GLN C   OXT  sing N N 77  
GLN CB  CG   sing N N 78  
GLN CB  HB2  sing N N 79  
GLN CB  HB3  sing N N 80  
GLN CG  CD   sing N N 81  
GLN CG  HG2  sing N N 82  
GLN CG  HG3  sing N N 83  
GLN CD  OE1  doub N N 84  
GLN CD  NE2  sing N N 85  
GLN NE2 HE21 sing N N 86  
GLN NE2 HE22 sing N N 87  
GLN OXT HXT  sing N N 88  
GLU N   CA   sing N N 89  
GLU N   H    sing N N 90  
GLU N   H2   sing N N 91  
GLU CA  C    sing N N 92  
GLU CA  CB   sing N N 93  
GLU CA  HA   sing N N 94  
GLU C   O    doub N N 95  
GLU C   OXT  sing N N 96  
GLU CB  CG   sing N N 97  
GLU CB  HB2  sing N N 98  
GLU CB  HB3  sing N N 99  
GLU CG  CD   sing N N 100 
GLU CG  HG2  sing N N 101 
GLU CG  HG3  sing N N 102 
GLU CD  OE1  doub N N 103 
GLU CD  OE2  sing N N 104 
GLU OE2 HE2  sing N N 105 
GLU OXT HXT  sing N N 106 
GLY N   CA   sing N N 107 
GLY N   H    sing N N 108 
GLY N   H2   sing N N 109 
GLY CA  C    sing N N 110 
GLY CA  HA2  sing N N 111 
GLY CA  HA3  sing N N 112 
GLY C   O    doub N N 113 
GLY C   OXT  sing N N 114 
GLY OXT HXT  sing N N 115 
HOH O   H1   sing N N 116 
HOH O   H2   sing N N 117 
ILE N   CA   sing N N 118 
ILE N   H    sing N N 119 
ILE N   H2   sing N N 120 
ILE CA  C    sing N N 121 
ILE CA  CB   sing N N 122 
ILE CA  HA   sing N N 123 
ILE C   O    doub N N 124 
ILE C   OXT  sing N N 125 
ILE CB  CG1  sing N N 126 
ILE CB  CG2  sing N N 127 
ILE CB  HB   sing N N 128 
ILE CG1 CD1  sing N N 129 
ILE CG1 HG12 sing N N 130 
ILE CG1 HG13 sing N N 131 
ILE CG2 HG21 sing N N 132 
ILE CG2 HG22 sing N N 133 
ILE CG2 HG23 sing N N 134 
ILE CD1 HD11 sing N N 135 
ILE CD1 HD12 sing N N 136 
ILE CD1 HD13 sing N N 137 
ILE OXT HXT  sing N N 138 
LEU N   CA   sing N N 139 
LEU N   H    sing N N 140 
LEU N   H2   sing N N 141 
LEU CA  C    sing N N 142 
LEU CA  CB   sing N N 143 
LEU CA  HA   sing N N 144 
LEU C   O    doub N N 145 
LEU C   OXT  sing N N 146 
LEU CB  CG   sing N N 147 
LEU CB  HB2  sing N N 148 
LEU CB  HB3  sing N N 149 
LEU CG  CD1  sing N N 150 
LEU CG  CD2  sing N N 151 
LEU CG  HG   sing N N 152 
LEU CD1 HD11 sing N N 153 
LEU CD1 HD12 sing N N 154 
LEU CD1 HD13 sing N N 155 
LEU CD2 HD21 sing N N 156 
LEU CD2 HD22 sing N N 157 
LEU CD2 HD23 sing N N 158 
LEU OXT HXT  sing N N 159 
LYS N   CA   sing N N 160 
LYS N   H    sing N N 161 
LYS N   H2   sing N N 162 
LYS CA  C    sing N N 163 
LYS CA  CB   sing N N 164 
LYS CA  HA   sing N N 165 
LYS C   O    doub N N 166 
LYS C   OXT  sing N N 167 
LYS CB  CG   sing N N 168 
LYS CB  HB2  sing N N 169 
LYS CB  HB3  sing N N 170 
LYS CG  CD   sing N N 171 
LYS CG  HG2  sing N N 172 
LYS CG  HG3  sing N N 173 
LYS CD  CE   sing N N 174 
LYS CD  HD2  sing N N 175 
LYS CD  HD3  sing N N 176 
LYS CE  NZ   sing N N 177 
LYS CE  HE2  sing N N 178 
LYS CE  HE3  sing N N 179 
LYS NZ  HZ1  sing N N 180 
LYS NZ  HZ2  sing N N 181 
LYS NZ  HZ3  sing N N 182 
LYS OXT HXT  sing N N 183 
PHE N   CA   sing N N 184 
PHE N   H    sing N N 185 
PHE N   H2   sing N N 186 
PHE CA  C    sing N N 187 
PHE CA  CB   sing N N 188 
PHE CA  HA   sing N N 189 
PHE C   O    doub N N 190 
PHE C   OXT  sing N N 191 
PHE CB  CG   sing N N 192 
PHE CB  HB2  sing N N 193 
PHE CB  HB3  sing N N 194 
PHE CG  CD1  doub Y N 195 
PHE CG  CD2  sing Y N 196 
PHE CD1 CE1  sing Y N 197 
PHE CD1 HD1  sing N N 198 
PHE CD2 CE2  doub Y N 199 
PHE CD2 HD2  sing N N 200 
PHE CE1 CZ   doub Y N 201 
PHE CE1 HE1  sing N N 202 
PHE CE2 CZ   sing Y N 203 
PHE CE2 HE2  sing N N 204 
PHE CZ  HZ   sing N N 205 
PHE OXT HXT  sing N N 206 
PRO N   CA   sing N N 207 
PRO N   CD   sing N N 208 
PRO N   H    sing N N 209 
PRO CA  C    sing N N 210 
PRO CA  CB   sing N N 211 
PRO CA  HA   sing N N 212 
PRO C   O    doub N N 213 
PRO C   OXT  sing N N 214 
PRO CB  CG   sing N N 215 
PRO CB  HB2  sing N N 216 
PRO CB  HB3  sing N N 217 
PRO CG  CD   sing N N 218 
PRO CG  HG2  sing N N 219 
PRO CG  HG3  sing N N 220 
PRO CD  HD2  sing N N 221 
PRO CD  HD3  sing N N 222 
PRO OXT HXT  sing N N 223 
SER N   CA   sing N N 224 
SER N   H    sing N N 225 
SER N   H2   sing N N 226 
SER CA  C    sing N N 227 
SER CA  CB   sing N N 228 
SER CA  HA   sing N N 229 
SER C   O    doub N N 230 
SER C   OXT  sing N N 231 
SER CB  OG   sing N N 232 
SER CB  HB2  sing N N 233 
SER CB  HB3  sing N N 234 
SER OG  HG   sing N N 235 
SER OXT HXT  sing N N 236 
THR N   CA   sing N N 237 
THR N   H    sing N N 238 
THR N   H2   sing N N 239 
THR CA  C    sing N N 240 
THR CA  CB   sing N N 241 
THR CA  HA   sing N N 242 
THR C   O    doub N N 243 
THR C   OXT  sing N N 244 
THR CB  OG1  sing N N 245 
THR CB  CG2  sing N N 246 
THR CB  HB   sing N N 247 
THR OG1 HG1  sing N N 248 
THR CG2 HG21 sing N N 249 
THR CG2 HG22 sing N N 250 
THR CG2 HG23 sing N N 251 
THR OXT HXT  sing N N 252 
TRP N   CA   sing N N 253 
TRP N   H    sing N N 254 
TRP N   H2   sing N N 255 
TRP CA  C    sing N N 256 
TRP CA  CB   sing N N 257 
TRP CA  HA   sing N N 258 
TRP C   O    doub N N 259 
TRP C   OXT  sing N N 260 
TRP CB  CG   sing N N 261 
TRP CB  HB2  sing N N 262 
TRP CB  HB3  sing N N 263 
TRP CG  CD1  doub Y N 264 
TRP CG  CD2  sing Y N 265 
TRP CD1 NE1  sing Y N 266 
TRP CD1 HD1  sing N N 267 
TRP CD2 CE2  doub Y N 268 
TRP CD2 CE3  sing Y N 269 
TRP NE1 CE2  sing Y N 270 
TRP NE1 HE1  sing N N 271 
TRP CE2 CZ2  sing Y N 272 
TRP CE3 CZ3  doub Y N 273 
TRP CE3 HE3  sing N N 274 
TRP CZ2 CH2  doub Y N 275 
TRP CZ2 HZ2  sing N N 276 
TRP CZ3 CH2  sing Y N 277 
TRP CZ3 HZ3  sing N N 278 
TRP CH2 HH2  sing N N 279 
TRP OXT HXT  sing N N 280 
VAL N   CA   sing N N 281 
VAL N   H    sing N N 282 
VAL N   H2   sing N N 283 
VAL CA  C    sing N N 284 
VAL CA  CB   sing N N 285 
VAL CA  HA   sing N N 286 
VAL C   O    doub N N 287 
VAL C   OXT  sing N N 288 
VAL CB  CG1  sing N N 289 
VAL CB  CG2  sing N N 290 
VAL CB  HB   sing N N 291 
VAL CG1 HG11 sing N N 292 
VAL CG1 HG12 sing N N 293 
VAL CG1 HG13 sing N N 294 
VAL CG2 HG21 sing N N 295 
VAL CG2 HG22 sing N N 296 
VAL CG2 HG23 sing N N 297 
VAL OXT HXT  sing N N 298 
# 
_atom_sites.entry_id                    1R69 
_atom_sites.fract_transf_matrix[1][1]   0.01886442 
_atom_sites.fract_transf_matrix[1][2]   -0.01363491 
_atom_sites.fract_transf_matrix[1][3]   0.01969114 
_atom_sites.fract_transf_matrix[2][1]   -0.02090012 
_atom_sites.fract_transf_matrix[2][2]   -0.01087257 
_atom_sites.fract_transf_matrix[2][3]   0.01249404 
_atom_sites.fract_transf_matrix[3][1]   0.00120624 
_atom_sites.fract_transf_matrix[3][2]   -0.01784993 
_atom_sites.fract_transf_matrix[3][3]   -0.01351558 
_atom_sites.fract_transf_vector[1]      -0.347407 
_atom_sites.fract_transf_vector[2]      0.030212 
_atom_sites.fract_transf_vector[3]      0.447376 
# 
loop_
_atom_type.symbol 
C 
N 
O 
# 
loop_
_atom_site.group_PDB 
_atom_site.id 
_atom_site.type_symbol 
_atom_site.label_atom_id 
_atom_site.label_alt_id 
_atom_site.label_comp_id 
_atom_site.label_asym_id 
_atom_site.label_entity_id 
_atom_site.label_seq_id 
_atom_site.pdbx_PDB_ins_code 
_atom_site.Cartn_x 
_atom_site.Cartn_y 
_atom_site.Cartn_z 
_atom_site.occupancy 
_atom_site.B_iso_or_equiv 
_atom_site.pdbx_formal_charge 
_atom_site.auth_seq_id 
_atom_site.auth_comp_id 
_atom_site.auth_asym_id 
_atom_site.auth_atom_id 
_atom_site.pdbx_PDB_model_num 
ATOM   1   N N   . SER A 1 1  ? 9.949   0.794   -6.190  1.00 22.84 ? 1   SER A N   1 
ATOM   2   C CA  . SER A 1 1  ? 9.332   1.927   -5.489  1.00 23.16 ? 1   SER A CA  1 
ATOM   3   C C   . SER A 1 1  ? 8.153   1.403   -4.673  1.00 18.19 ? 1   SER A C   1 
ATOM   4   O O   . SER A 1 1  ? 7.898   0.197   -4.651  1.00 15.37 ? 1   SER A O   1 
ATOM   5   C CB  . SER A 1 1  ? 8.923   3.042   -6.429  1.00 28.09 ? 1   SER A CB  1 
ATOM   6   O OG  . SER A 1 1  ? 8.092   2.534   -7.456  1.00 34.46 ? 1   SER A OG  1 
ATOM   7   N N   . ILE A 1 2  ? 7.472   2.316   -4.017  1.00 18.89 ? 2   ILE A N   1 
ATOM   8   C CA  . ILE A 1 2  ? 6.332   1.961   -3.165  1.00 18.64 ? 2   ILE A CA  1 
ATOM   9   C C   . ILE A 1 2  ? 5.177   1.309   -3.903  1.00 15.56 ? 2   ILE A C   1 
ATOM   10  O O   . ILE A 1 2  ? 4.532   0.441   -3.296  1.00 16.95 ? 2   ILE A O   1 
ATOM   11  C CB  . ILE A 1 2  ? 5.897   3.191   -2.284  1.00 15.55 ? 2   ILE A CB  1 
ATOM   12  C CG1 . ILE A 1 2  ? 4.586   2.804   -1.567  1.00 14.34 ? 2   ILE A CG1 1 
ATOM   13  C CG2 . ILE A 1 2  ? 5.811   4.480   -3.134  1.00 14.99 ? 2   ILE A CG2 1 
ATOM   14  C CD1 . ILE A 1 2  ? 4.314   3.485   -0.204  1.00 13.13 ? 2   ILE A CD1 1 
ATOM   15  N N   . SER A 1 3  ? 4.910   1.689   -5.132  1.00 16.54 ? 3   SER A N   1 
ATOM   16  C CA  . SER A 1 3  ? 3.817   1.120   -5.933  1.00 15.19 ? 3   SER A CA  1 
ATOM   17  C C   . SER A 1 3  ? 4.070   -0.356  -6.236  1.00 15.48 ? 3   SER A C   1 
ATOM   18  O O   . SER A 1 3  ? 3.140   -1.179  -6.140  1.00 16.20 ? 3   SER A O   1 
ATOM   19  C CB  . SER A 1 3  ? 3.609   1.908   -7.210  1.00 17.66 ? 3   SER A CB  1 
ATOM   20  O OG  . SER A 1 3  ? 4.784   1.890   -8.003  1.00 25.45 ? 3   SER A OG  1 
ATOM   21  N N   . SER A 1 4  ? 5.314   -0.671  -6.579  1.00 13.66 ? 4   SER A N   1 
ATOM   22  C CA  . SER A 1 4  ? 5.632   -2.082  -6.889  1.00 15.87 ? 4   SER A CA  1 
ATOM   23  C C   . SER A 1 4  ? 5.661   -2.882  -5.595  1.00 12.73 ? 4   SER A C   1 
ATOM   24  O O   . SER A 1 4  ? 5.169   -4.016  -5.578  1.00 10.99 ? 4   SER A O   1 
ATOM   25  C CB  . SER A 1 4  ? 6.856   -2.198  -7.776  1.00 15.39 ? 4   SER A CB  1 
ATOM   26  O OG  . SER A 1 4  ? 8.051   -2.225  -7.046  1.00 21.09 ? 4   SER A OG  1 
ATOM   27  N N   . ARG A 1 5  ? 6.187   -2.310  -4.523  1.00 15.07 ? 5   ARG A N   1 
ATOM   28  C CA  . ARG A 1 5  ? 6.268   -2.962  -3.208  1.00 10.46 ? 5   ARG A CA  1 
ATOM   29  C C   . ARG A 1 5  ? 4.899   -3.189  -2.579  1.00 9.35  ? 5   ARG A C   1 
ATOM   30  O O   . ARG A 1 5  ? 4.725   -4.199  -1.884  1.00 7.65  ? 5   ARG A O   1 
ATOM   31  C CB  . ARG A 1 5  ? 7.179   -2.234  -2.227  1.00 11.99 ? 5   ARG A CB  1 
ATOM   32  C CG  . ARG A 1 5  ? 8.656   -2.511  -2.447  1.00 14.45 ? 5   ARG A CG  1 
ATOM   33  C CD  . ARG A 1 5  ? 9.513   -1.836  -1.439  1.00 15.37 ? 5   ARG A CD  1 
ATOM   34  N NE  . ARG A 1 5  ? 9.717   -0.445  -1.643  1.00 18.76 ? 5   ARG A NE  1 
ATOM   35  C CZ  . ARG A 1 5  ? 10.591  0.308   -2.278  1.00 20.20 ? 5   ARG A CZ  1 
ATOM   36  N NH1 . ARG A 1 5  ? 11.630  -0.142  -2.961  1.00 23.51 ? 5   ARG A NH1 1 
ATOM   37  N NH2 . ARG A 1 5  ? 10.428  1.635   -2.244  1.00 19.89 ? 5   ARG A NH2 1 
ATOM   38  N N   . VAL A 1 6  ? 3.965   -2.290  -2.814  1.00 13.32 ? 6   VAL A N   1 
ATOM   39  C CA  . VAL A 1 6  ? 2.603   -2.401  -2.285  1.00 15.49 ? 6   VAL A CA  1 
ATOM   40  C C   . VAL A 1 6  ? 1.859   -3.516  -3.033  1.00 16.04 ? 6   VAL A C   1 
ATOM   41  O O   . VAL A 1 6  ? 1.166   -4.336  -2.415  1.00 17.09 ? 6   VAL A O   1 
ATOM   42  C CB  . VAL A 1 6  ? 1.851   -1.057  -2.319  1.00 14.36 ? 6   VAL A CB  1 
ATOM   43  C CG1 . VAL A 1 6  ? 0.341   -1.220  -2.150  1.00 9.60  ? 6   VAL A CG1 1 
ATOM   44  C CG2 . VAL A 1 6  ? 2.393   -0.109  -1.256  1.00 17.13 ? 6   VAL A CG2 1 
ATOM   45  N N   . LYS A 1 7  ? 2.004   -3.504  -4.346  1.00 15.32 ? 7   LYS A N   1 
ATOM   46  C CA  . LYS A 1 7  ? 1.344   -4.505  -5.203  1.00 12.93 ? 7   LYS A CA  1 
ATOM   47  C C   . LYS A 1 7  ? 1.838   -5.889  -4.816  1.00 8.89  ? 7   LYS A C   1 
ATOM   48  O O   . LYS A 1 7  ? 1.075   -6.814  -4.526  1.00 7.35  ? 7   LYS A O   1 
ATOM   49  C CB  . LYS A 1 7  ? 1.550   -4.181  -6.676  1.00 16.60 ? 7   LYS A CB  1 
ATOM   50  C CG  . LYS A 1 7  ? 0.603   -4.939  -7.600  1.00 23.10 ? 7   LYS A CG  1 
ATOM   51  C CD  . LYS A 1 7  ? 0.746   -4.540  -9.055  1.00 30.83 ? 7   LYS A CD  1 
ATOM   52  C CE  . LYS A 1 7  ? 0.233   -3.155  -9.369  1.00 35.20 ? 7   LYS A CE  1 
ATOM   53  N NZ  . LYS A 1 7  ? -1.248  -3.074  -9.427  1.00 35.86 ? 7   LYS A NZ  1 
ATOM   54  N N   . SER A 1 8  ? 3.144   -6.032  -4.762  1.00 11.72 ? 8   SER A N   1 
ATOM   55  C CA  . SER A 1 8  ? 3.852   -7.259  -4.422  1.00 16.40 ? 8   SER A CA  1 
ATOM   56  C C   . SER A 1 8  ? 3.399   -7.870  -3.101  1.00 16.20 ? 8   SER A C   1 
ATOM   57  O O   . SER A 1 8  ? 3.196   -9.103  -3.049  1.00 18.61 ? 8   SER A O   1 
ATOM   58  C CB  . SER A 1 8  ? 5.364   -7.049  -4.397  1.00 19.61 ? 8   SER A CB  1 
ATOM   59  O OG  . SER A 1 8  ? 5.985   -8.289  -4.099  1.00 25.34 ? 8   SER A OG  1 
ATOM   60  N N   . LYS A 1 9  ? 3.274   -7.050  -2.079  1.00 14.11 ? 9   LYS A N   1 
ATOM   61  C CA  . LYS A 1 9  ? 2.850   -7.519  -0.754  1.00 10.37 ? 9   LYS A CA  1 
ATOM   62  C C   . LYS A 1 9  ? 1.368   -7.838  -0.698  1.00 8.11  ? 9   LYS A C   1 
ATOM   63  O O   . LYS A 1 9  ? 1.034   -8.847  -0.061  1.00 9.10  ? 9   LYS A O   1 
ATOM   64  C CB  . LYS A 1 9  ? 3.100   -6.537  0.383   1.00 10.98 ? 9   LYS A CB  1 
ATOM   65  C CG  . LYS A 1 9  ? 4.510   -6.607  0.924   1.00 13.45 ? 9   LYS A CG  1 
ATOM   66  C CD  . LYS A 1 9  ? 4.797   -7.915  1.643   1.00 12.78 ? 9   LYS A CD  1 
ATOM   67  C CE  . LYS A 1 9  ? 6.306   -8.116  1.648   1.00 13.45 ? 9   LYS A CE  1 
ATOM   68  N NZ  . LYS A 1 9  ? 6.620   -9.347  2.409   1.00 20.48 ? 9   LYS A NZ  1 
ATOM   69  N N   . ARG A 1 10 ? 0.544   -6.999  -1.313  1.00 11.40 ? 10  ARG A N   1 
ATOM   70  C CA  . ARG A 1 10 ? -0.901  -7.333  -1.238  1.00 11.78 ? 10  ARG A CA  1 
ATOM   71  C C   . ARG A 1 10 ? -1.151  -8.673  -1.926  1.00 8.40  ? 10  ARG A C   1 
ATOM   72  O O   . ARG A 1 10 ? -1.973  -9.443  -1.423  1.00 7.42  ? 10  ARG A O   1 
ATOM   73  C CB  . ARG A 1 10 ? -1.848  -6.234  -1.608  1.00 9.97  ? 10  ARG A CB  1 
ATOM   74  C CG  . ARG A 1 10 ? -1.869  -5.558  -2.932  1.00 12.12 ? 10  ARG A CG  1 
ATOM   75  C CD  . ARG A 1 10 ? -3.231  -5.008  -3.281  1.00 10.74 ? 10  ARG A CD  1 
ATOM   76  N NE  . ARG A 1 10 ? -3.112  -4.610  -4.692  1.00 11.97 ? 10  ARG A NE  1 
ATOM   77  C CZ  . ARG A 1 10 ? -3.290  -5.504  -5.671  1.00 12.64 ? 10  ARG A CZ  1 
ATOM   78  N NH1 . ARG A 1 10 ? -3.688  -6.742  -5.375  1.00 14.80 ? 10  ARG A NH1 1 
ATOM   79  N NH2 . ARG A 1 10 ? -2.991  -5.178  -6.929  1.00 8.14  ? 10  ARG A NH2 1 
ATOM   80  N N   . ILE A 1 11 ? -0.445  -8.958  -3.005  1.00 10.45 ? 11  ILE A N   1 
ATOM   81  C CA  . ILE A 1 11 ? -0.620  -10.214 -3.755  1.00 12.86 ? 11  ILE A CA  1 
ATOM   82  C C   . ILE A 1 11 ? -0.230  -11.421 -2.927  1.00 10.38 ? 11  ILE A C   1 
ATOM   83  O O   . ILE A 1 11 ? -0.945  -12.445 -2.895  1.00 11.01 ? 11  ILE A O   1 
ATOM   84  C CB  . ILE A 1 11 ? 0.036   -10.050 -5.179  1.00 13.05 ? 11  ILE A CB  1 
ATOM   85  C CG1 . ILE A 1 11 ? -0.899  -9.098  -5.976  1.00 11.09 ? 11  ILE A CG1 1 
ATOM   86  C CG2 . ILE A 1 11 ? 0.302   -11.392 -5.883  1.00 11.66 ? 11  ILE A CG2 1 
ATOM   87  C CD1 . ILE A 1 11 ? -0.421  -8.650  -7.371  1.00 12.87 ? 11  ILE A CD1 1 
ATOM   88  N N   . GLN A 1 12 ? 0.872   -11.280 -2.223  1.00 8.39  ? 12  GLN A N   1 
ATOM   89  C CA  . GLN A 1 12 ? 1.427   -12.312 -1.338  1.00 10.28 ? 12  GLN A CA  1 
ATOM   90  C C   . GLN A 1 12 ? 0.466   -12.638 -0.197  1.00 14.35 ? 12  GLN A C   1 
ATOM   91  O O   . GLN A 1 12 ? 0.444   -13.770 0.331   1.00 16.27 ? 12  GLN A O   1 
ATOM   92  C CB  . GLN A 1 12 ? 2.799   -11.872 -0.813  1.00 8.70  ? 12  GLN A CB  1 
ATOM   93  C CG  . GLN A 1 12 ? 3.483   -12.942 0.006   1.00 7.50  ? 12  GLN A CG  1 
ATOM   94  C CD  . GLN A 1 12 ? 4.760   -12.478 0.634   1.00 6.77  ? 12  GLN A CD  1 
ATOM   95  O OE1 . GLN A 1 12 ? 5.244   -11.403 0.338   1.00 10.68 ? 12  GLN A OE1 1 
ATOM   96  N NE2 . GLN A 1 12 ? 5.326   -13.278 1.522   1.00 11.10 ? 12  GLN A NE2 1 
ATOM   97  N N   . LEU A 1 13 ? -0.329  -11.647 0.181   1.00 11.30 ? 13  LEU A N   1 
ATOM   98  C CA  . LEU A 1 13 ? -1.310  -11.741 1.260   1.00 8.79  ? 13  LEU A CA  1 
ATOM   99  C C   . LEU A 1 13 ? -2.695  -12.156 0.776   1.00 6.77  ? 13  LEU A C   1 
ATOM   100 O O   . LEU A 1 13 ? -3.608  -12.400 1.572   1.00 11.48 ? 13  LEU A O   1 
ATOM   101 C CB  . LEU A 1 13 ? -1.297  -10.388 1.995   1.00 6.77  ? 13  LEU A CB  1 
ATOM   102 C CG  . LEU A 1 13 ? -0.135  -10.053 2.897   1.00 8.68  ? 13  LEU A CG  1 
ATOM   103 C CD1 . LEU A 1 13 ? -0.329  -8.680  3.532   1.00 10.11 ? 13  LEU A CD1 1 
ATOM   104 C CD2 . LEU A 1 13 ? -0.031  -11.086 4.023   1.00 7.70  ? 13  LEU A CD2 1 
ATOM   105 N N   . GLY A 1 14 ? -2.857  -12.201 -0.520  1.00 10.04 ? 14  GLY A N   1 
ATOM   106 C CA  . GLY A 1 14 ? -4.077  -12.555 -1.233  1.00 13.09 ? 14  GLY A CA  1 
ATOM   107 C C   . GLY A 1 14 ? -5.117  -11.441 -1.178  1.00 11.80 ? 14  GLY A C   1 
ATOM   108 O O   . GLY A 1 14 ? -6.297  -11.759 -1.034  1.00 14.65 ? 14  GLY A O   1 
ATOM   109 N N   . LEU A 1 15 ? -4.702  -10.197 -1.288  1.00 13.47 ? 15  LEU A N   1 
ATOM   110 C CA  . LEU A 1 15 ? -5.604  -9.042  -1.236  1.00 12.95 ? 15  LEU A CA  1 
ATOM   111 C C   . LEU A 1 15 ? -5.709  -8.346  -2.591  1.00 11.61 ? 15  LEU A C   1 
ATOM   112 O O   . LEU A 1 15 ? -4.703  -8.193  -3.294  1.00 13.21 ? 15  LEU A O   1 
ATOM   113 C CB  . LEU A 1 15 ? -5.099  -8.066  -0.162  1.00 11.89 ? 15  LEU A CB  1 
ATOM   114 C CG  . LEU A 1 15 ? -4.935  -8.475  1.279   1.00 12.08 ? 15  LEU A CG  1 
ATOM   115 C CD1 . LEU A 1 15 ? -4.060  -7.475  2.037   1.00 12.12 ? 15  LEU A CD1 1 
ATOM   116 C CD2 . LEU A 1 15 ? -6.298  -8.567  1.956   1.00 9.56  ? 15  LEU A CD2 1 
ATOM   117 N N   . ASN A 1 16 ? -6.927  -7.942  -2.913  1.00 12.58 ? 16  ASN A N   1 
ATOM   118 C CA  . ASN A 1 16 ? -7.162  -7.215  -4.190  1.00 11.87 ? 16  ASN A CA  1 
ATOM   119 C C   . ASN A 1 16 ? -7.154  -5.753  -3.726  1.00 9.05  ? 16  ASN A C   1 
ATOM   120 O O   . ASN A 1 16 ? -7.080  -5.550  -2.500  1.00 8.50  ? 16  ASN A O   1 
ATOM   121 C CB  . ASN A 1 16 ? -8.326  -7.708  -5.005  1.00 10.02 ? 16  ASN A CB  1 
ATOM   122 C CG  . ASN A 1 16 ? -9.703  -7.677  -4.423  1.00 10.55 ? 16  ASN A CG  1 
ATOM   123 O OD1 . ASN A 1 16 ? -9.977  -6.880  -3.519  1.00 14.69 ? 16  ASN A OD1 1 
ATOM   124 N ND2 . ASN A 1 16 ? -10.642 -8.510  -4.865  1.00 10.73 ? 16  ASN A ND2 1 
ATOM   125 N N   . GLN A 1 17 ? -7.233  -4.795  -4.617  1.00 13.63 ? 17  GLN A N   1 
ATOM   126 C CA  . GLN A 1 17 ? -7.208  -3.376  -4.201  1.00 11.51 ? 17  GLN A CA  1 
ATOM   127 C C   . GLN A 1 17 ? -8.356  -2.954  -3.294  1.00 8.01  ? 17  GLN A C   1 
ATOM   128 O O   . GLN A 1 17 ? -8.134  -2.106  -2.417  1.00 6.80  ? 17  GLN A O   1 
ATOM   129 C CB  . GLN A 1 17 ? -7.126  -2.438  -5.400  1.00 8.12  ? 17  GLN A CB  1 
ATOM   130 C CG  . GLN A 1 17 ? -5.765  -2.562  -6.071  1.00 9.27  ? 17  GLN A CG  1 
ATOM   131 C CD  . GLN A 1 17 ? -5.710  -1.832  -7.381  1.00 8.93  ? 17  GLN A CD  1 
ATOM   132 O OE1 . GLN A 1 17 ? -6.703  -1.566  -8.034  1.00 9.94  ? 17  GLN A OE1 1 
ATOM   133 N NE2 . GLN A 1 17 ? -4.485  -1.502  -7.769  1.00 15.34 ? 17  GLN A NE2 1 
ATOM   134 N N   . ALA A 1 18 ? -9.527  -3.500  -3.528  1.00 7.68  ? 18  ALA A N   1 
ATOM   135 C CA  . ALA A 1 18 ? -10.719 -3.150  -2.746  1.00 8.60  ? 18  ALA A CA  1 
ATOM   136 C C   . ALA A 1 18 ? -10.576 -3.599  -1.304  1.00 10.72 ? 18  ALA A C   1 
ATOM   137 O O   . ALA A 1 18 ? -10.995 -2.861  -0.395  1.00 12.62 ? 18  ALA A O   1 
ATOM   138 C CB  . ALA A 1 18 ? -11.981 -3.655  -3.411  1.00 7.98  ? 18  ALA A CB  1 
ATOM   139 N N   . GLU A 1 19 ? -10.011 -4.764  -1.112  1.00 8.50  ? 19  GLU A N   1 
ATOM   140 C CA  . GLU A 1 19 ? -9.771  -5.367  0.199   1.00 9.91  ? 19  GLU A CA  1 
ATOM   141 C C   . GLU A 1 19 ? -8.726  -4.604  0.991   1.00 9.84  ? 19  GLU A C   1 
ATOM   142 O O   . GLU A 1 19 ? -8.890  -4.444  2.217   1.00 9.82  ? 19  GLU A O   1 
ATOM   143 C CB  . GLU A 1 19 ? -9.302  -6.810  0.046   1.00 13.03 ? 19  GLU A CB  1 
ATOM   144 C CG  . GLU A 1 19 ? -10.394 -7.763  -0.464  1.00 15.81 ? 19  GLU A CG  1 
ATOM   145 C CD  . GLU A 1 19 ? -9.870  -9.155  -0.679  1.00 17.77 ? 19  GLU A CD  1 
ATOM   146 O OE1 . GLU A 1 19 ? -8.893  -9.383  -1.359  1.00 13.63 ? 19  GLU A OE1 1 
ATOM   147 O OE2 . GLU A 1 19 ? -10.554 -9.978  -0.045  1.00 24.50 ? 19  GLU A OE2 1 
ATOM   148 N N   . LEU A 1 20 ? -7.697  -4.159  0.288   1.00 12.06 ? 20  LEU A N   1 
ATOM   149 C CA  . LEU A 1 20 ? -6.608  -3.378  0.886   1.00 11.67 ? 20  LEU A CA  1 
ATOM   150 C C   . LEU A 1 20 ? -7.139  -1.992  1.292   1.00 13.48 ? 20  LEU A C   1 
ATOM   151 O O   . LEU A 1 20 ? -6.739  -1.513  2.370   1.00 18.11 ? 20  LEU A O   1 
ATOM   152 C CB  . LEU A 1 20 ? -5.351  -3.313  0.018   1.00 6.77  ? 20  LEU A CB  1 
ATOM   153 C CG  . LEU A 1 20 ? -4.190  -2.566  0.681   1.00 7.76  ? 20  LEU A CG  1 
ATOM   154 C CD1 . LEU A 1 20 ? -3.667  -3.309  1.898   1.00 7.03  ? 20  LEU A CD1 1 
ATOM   155 C CD2 . LEU A 1 20 ? -3.059  -2.404  -0.330  1.00 9.94  ? 20  LEU A CD2 1 
ATOM   156 N N   . ALA A 1 21 ? -7.985  -1.401  0.473   1.00 8.28  ? 21  ALA A N   1 
ATOM   157 C CA  . ALA A 1 21 ? -8.600  -0.097  0.733   1.00 6.77  ? 21  ALA A CA  1 
ATOM   158 C C   . ALA A 1 21 ? -9.407  -0.149  2.028   1.00 10.15 ? 21  ALA A C   1 
ATOM   159 O O   . ALA A 1 21 ? -9.223  0.706   2.902   1.00 12.19 ? 21  ALA A O   1 
ATOM   160 C CB  . ALA A 1 21 ? -9.474  0.354   -0.423  1.00 6.77  ? 21  ALA A CB  1 
ATOM   161 N N   . GLN A 1 22 ? -10.269 -1.145  2.175   1.00 12.22 ? 22  GLN A N   1 
ATOM   162 C CA  . GLN A 1 22 ? -11.100 -1.336  3.363   1.00 10.81 ? 22  GLN A CA  1 
ATOM   163 C C   . GLN A 1 22 ? -10.258 -1.612  4.607   1.00 15.02 ? 22  GLN A C   1 
ATOM   164 O O   . GLN A 1 22 ? -10.647 -1.206  5.720   1.00 17.63 ? 22  GLN A O   1 
ATOM   165 C CB  . GLN A 1 22 ? -12.127 -2.449  3.168   1.00 12.70 ? 22  GLN A CB  1 
ATOM   166 C CG  . GLN A 1 22 ? -13.272 -2.129  2.229   1.00 14.55 ? 22  GLN A CG  1 
ATOM   167 C CD  . GLN A 1 22 ? -14.052 -3.361  1.829   1.00 16.16 ? 22  GLN A CD  1 
ATOM   168 O OE1 . GLN A 1 22 ? -13.684 -4.094  0.918   1.00 19.36 ? 22  GLN A OE1 1 
ATOM   169 N NE2 . GLN A 1 22 ? -15.150 -3.633  2.508   1.00 15.90 ? 22  GLN A NE2 1 
ATOM   170 N N   . LYS A 1 23 ? -9.143  -2.305  4.466   1.00 17.95 ? 23  LYS A N   1 
ATOM   171 C CA  . LYS A 1 23 ? -8.254  -2.622  5.602   1.00 20.13 ? 23  LYS A CA  1 
ATOM   172 C C   . LYS A 1 23 ? -7.539  -1.360  6.090   1.00 19.53 ? 23  LYS A C   1 
ATOM   173 O O   . LYS A 1 23 ? -7.327  -1.153  7.297   1.00 18.33 ? 23  LYS A O   1 
ATOM   174 C CB  . LYS A 1 23 ? -7.235  -3.701  5.277   1.00 21.07 ? 23  LYS A CB  1 
ATOM   175 C CG  . LYS A 1 23 ? -7.766  -5.126  5.401   1.00 25.20 ? 23  LYS A CG  1 
ATOM   176 C CD  . LYS A 1 23 ? -7.045  -5.913  6.481   1.00 29.73 ? 23  LYS A CD  1 
ATOM   177 C CE  . LYS A 1 23 ? -7.926  -6.912  7.198   1.00 31.63 ? 23  LYS A CE  1 
ATOM   178 N NZ  . LYS A 1 23 ? -8.817  -7.626  6.255   1.00 34.27 ? 23  LYS A NZ  1 
ATOM   179 N N   . VAL A 1 24 ? -7.179  -0.524  5.142   1.00 19.86 ? 24  VAL A N   1 
ATOM   180 C CA  . VAL A 1 24 ? -6.485  0.752   5.391   1.00 20.33 ? 24  VAL A CA  1 
ATOM   181 C C   . VAL A 1 24 ? -7.504  1.807   5.814   1.00 19.54 ? 24  VAL A C   1 
ATOM   182 O O   . VAL A 1 24 ? -7.170  2.665   6.643   1.00 21.82 ? 24  VAL A O   1 
ATOM   183 C CB  . VAL A 1 24 ? -5.592  1.084   4.183   1.00 21.02 ? 24  VAL A CB  1 
ATOM   184 C CG1 . VAL A 1 24 ? -4.966  2.467   4.193   1.00 21.97 ? 24  VAL A CG1 1 
ATOM   185 C CG2 . VAL A 1 24 ? -4.496  0.027   4.043   1.00 21.83 ? 24  VAL A CG2 1 
ATOM   186 N N   . GLY A 1 25 ? -8.712  1.735   5.290   1.00 15.19 ? 25  GLY A N   1 
ATOM   187 C CA  . GLY A 1 25 ? -9.787  2.678   5.606   1.00 12.36 ? 25  GLY A CA  1 
ATOM   188 C C   . GLY A 1 25 ? -9.746  3.882   4.670   1.00 12.56 ? 25  GLY A C   1 
ATOM   189 O O   . GLY A 1 25 ? -10.022 5.021   5.062   1.00 13.15 ? 25  GLY A O   1 
ATOM   190 N N   . THR A 1 26 ? -9.400  3.621   3.422   1.00 14.60 ? 26  THR A N   1 
ATOM   191 C CA  . THR A 1 26 ? -9.313  4.642   2.374   1.00 10.29 ? 26  THR A CA  1 
ATOM   192 C C   . THR A 1 26 ? -10.208 4.228   1.204   1.00 10.82 ? 26  THR A C   1 
ATOM   193 O O   . THR A 1 26 ? -10.965 3.257   1.309   1.00 11.07 ? 26  THR A O   1 
ATOM   194 C CB  . THR A 1 26 ? -7.836  4.965   1.945   1.00 12.02 ? 26  THR A CB  1 
ATOM   195 O OG1 . THR A 1 26 ? -7.929  6.177   1.129   1.00 13.19 ? 26  THR A OG1 1 
ATOM   196 C CG2 . THR A 1 26 ? -7.126  3.814   1.225   1.00 12.32 ? 26  THR A CG2 1 
ATOM   197 N N   . THR A 1 27 ? -10.126 4.986   0.134   1.00 12.17 ? 27  THR A N   1 
ATOM   198 C CA  . THR A 1 27 ? -10.894 4.798   -1.091  1.00 11.40 ? 27  THR A CA  1 
ATOM   199 C C   . THR A 1 27 ? -10.168 3.846   -2.034  1.00 12.41 ? 27  THR A C   1 
ATOM   200 O O   . THR A 1 27 ? -8.942  3.698   -1.920  1.00 11.65 ? 27  THR A O   1 
ATOM   201 C CB  . THR A 1 27 ? -11.237 6.178   -1.778  1.00 9.72  ? 27  THR A CB  1 
ATOM   202 O OG1 . THR A 1 27 ? -9.994  6.792   -2.225  1.00 10.73 ? 27  THR A OG1 1 
ATOM   203 C CG2 . THR A 1 27 ? -12.007 7.143   -0.867  1.00 10.25 ? 27  THR A CG2 1 
ATOM   204 N N   . GLN A 1 28 ? -10.936 3.237   -2.928  1.00 14.20 ? 28  GLN A N   1 
ATOM   205 C CA  . GLN A 1 28 ? -10.337 2.304   -3.914  1.00 17.09 ? 28  GLN A CA  1 
ATOM   206 C C   . GLN A 1 28 ? -9.355  3.084   -4.790  1.00 14.39 ? 28  GLN A C   1 
ATOM   207 O O   . GLN A 1 28 ? -8.246  2.616   -5.058  1.00 13.95 ? 28  GLN A O   1 
ATOM   208 C CB  . GLN A 1 28 ? -11.374 1.513   -4.691  1.00 19.88 ? 28  GLN A CB  1 
ATOM   209 C CG  . GLN A 1 28 ? -10.815 0.236   -5.335  1.00 20.40 ? 28  GLN A CG  1 
ATOM   210 C CD  . GLN A 1 28 ? -10.256 0.580   -6.694  1.00 23.55 ? 28  GLN A CD  1 
ATOM   211 O OE1 . GLN A 1 28 ? -10.696 1.566   -7.297  1.00 29.87 ? 28  GLN A OE1 1 
ATOM   212 N NE2 . GLN A 1 28 ? -9.306  -0.193  -7.180  1.00 19.61 ? 28  GLN A NE2 1 
ATOM   213 N N   . GLN A 1 29 ? -9.741  4.272   -5.195  1.00 15.72 ? 29  GLN A N   1 
ATOM   214 C CA  . GLN A 1 29 ? -9.002  5.216   -6.023  1.00 13.64 ? 29  GLN A CA  1 
ATOM   215 C C   . GLN A 1 29 ? -7.667  5.613   -5.404  1.00 11.83 ? 29  GLN A C   1 
ATOM   216 O O   . GLN A 1 29 ? -6.700  5.787   -6.168  1.00 15.55 ? 29  GLN A O   1 
ATOM   217 C CB  . GLN A 1 29 ? -9.839  6.446   -6.417  1.00 17.13 ? 29  GLN A CB  1 
ATOM   218 C CG  . GLN A 1 29 ? -9.080  7.408   -7.297  1.00 28.08 ? 29  GLN A CG  1 
ATOM   219 C CD  . GLN A 1 29 ? -9.733  8.714   -7.641  1.00 35.12 ? 29  GLN A CD  1 
ATOM   220 O OE1 . GLN A 1 29 ? -10.164 9.519   -6.814  1.00 39.98 ? 29  GLN A OE1 1 
ATOM   221 N NE2 . GLN A 1 29 ? -9.800  8.981   -8.946  1.00 37.54 ? 29  GLN A NE2 1 
ATOM   222 N N   . SER A 1 30 ? -7.567  5.756   -4.103  1.00 9.59  ? 30  SER A N   1 
ATOM   223 C CA  . SER A 1 30 ? -6.321  6.111   -3.423  1.00 11.96 ? 30  SER A CA  1 
ATOM   224 C C   . SER A 1 30 ? -5.310  4.967   -3.591  1.00 14.36 ? 30  SER A C   1 
ATOM   225 O O   . SER A 1 30 ? -4.111  5.230   -3.740  1.00 13.25 ? 30  SER A O   1 
ATOM   226 C CB  . SER A 1 30 ? -6.463  6.352   -1.931  1.00 15.15 ? 30  SER A CB  1 
ATOM   227 O OG  . SER A 1 30 ? -7.146  7.537   -1.618  1.00 22.84 ? 30  SER A OG  1 
ATOM   228 N N   . ILE A 1 31 ? -5.822  3.741   -3.519  1.00 16.03 ? 31  ILE A N   1 
ATOM   229 C CA  . ILE A 1 31 ? -4.990  2.549   -3.656  1.00 16.16 ? 31  ILE A CA  1 
ATOM   230 C C   . ILE A 1 31 ? -4.437  2.434   -5.086  1.00 15.10 ? 31  ILE A C   1 
ATOM   231 O O   . ILE A 1 31 ? -3.274  2.083   -5.297  1.00 14.05 ? 31  ILE A O   1 
ATOM   232 C CB  . ILE A 1 31 ? -5.684  1.203   -3.250  1.00 13.77 ? 31  ILE A CB  1 
ATOM   233 C CG1 . ILE A 1 31 ? -6.135  1.224   -1.774  1.00 10.44 ? 31  ILE A CG1 1 
ATOM   234 C CG2 . ILE A 1 31 ? -4.704  0.033   -3.561  1.00 11.54 ? 31  ILE A CG2 1 
ATOM   235 C CD1 . ILE A 1 31 ? -5.078  1.732   -0.755  1.00 9.11  ? 31  ILE A CD1 1 
ATOM   236 N N   . GLU A 1 32 ? -5.296  2.736   -6.033  1.00 15.56 ? 32  GLU A N   1 
ATOM   237 C CA  . GLU A 1 32 ? -5.001  2.707   -7.458  1.00 14.19 ? 32  GLU A CA  1 
ATOM   238 C C   . GLU A 1 32 ? -3.914  3.707   -7.815  1.00 14.10 ? 32  GLU A C   1 
ATOM   239 O O   . GLU A 1 32 ? -2.993  3.379   -8.579  1.00 14.71 ? 32  GLU A O   1 
ATOM   240 C CB  . GLU A 1 32 ? -6.251  3.049   -8.268  1.00 16.58 ? 32  GLU A CB  1 
ATOM   241 C CG  . GLU A 1 32 ? -7.336  1.979   -8.264  1.00 22.69 ? 32  GLU A CG  1 
ATOM   242 C CD  . GLU A 1 32 ? -8.408  2.164   -9.300  1.00 28.04 ? 32  GLU A CD  1 
ATOM   243 O OE1 . GLU A 1 32 ? -9.416  1.484   -9.352  1.00 29.81 ? 32  GLU A OE1 1 
ATOM   244 O OE2 . GLU A 1 32 ? -8.132  3.098   -10.085 1.00 30.57 ? 32  GLU A OE2 1 
ATOM   245 N N   . GLN A 1 33 ? -4.037  4.894   -7.254  1.00 13.04 ? 33  GLN A N   1 
ATOM   246 C CA  . GLN A 1 33 ? -3.084  5.989   -7.470  1.00 15.10 ? 33  GLN A CA  1 
ATOM   247 C C   . GLN A 1 33 ? -1.715  5.680   -6.884  1.00 13.19 ? 33  GLN A C   1 
ATOM   248 O O   . GLN A 1 33 ? -0.690  6.113   -7.435  1.00 15.29 ? 33  GLN A O   1 
ATOM   249 C CB  . GLN A 1 33 ? -3.645  7.332   -6.965  1.00 17.66 ? 33  GLN A CB  1 
ATOM   250 C CG  . GLN A 1 33 ? -4.763  7.785   -7.888  1.00 21.97 ? 33  GLN A CG  1 
ATOM   251 C CD  . GLN A 1 33 ? -5.577  8.949   -7.420  1.00 26.47 ? 33  GLN A CD  1 
ATOM   252 O OE1 . GLN A 1 33 ? -6.310  9.548   -8.208  1.00 30.31 ? 33  GLN A OE1 1 
ATOM   253 N NE2 . GLN A 1 33 ? -5.469  9.273   -6.135  1.00 27.45 ? 33  GLN A NE2 1 
ATOM   254 N N   . LEU A 1 34 ? -1.682  4.959   -5.791  1.00 13.02 ? 34  LEU A N   1 
ATOM   255 C CA  . LEU A 1 34 ? -0.406  4.585   -5.149  1.00 16.91 ? 34  LEU A CA  1 
ATOM   256 C C   . LEU A 1 34 ? 0.260   3.486   -5.975  1.00 21.11 ? 34  LEU A C   1 
ATOM   257 O O   . LEU A 1 34 ? 1.487   3.501   -6.157  1.00 25.58 ? 34  LEU A O   1 
ATOM   258 C CB  . LEU A 1 34 ? -0.717  4.298   -3.699  1.00 16.71 ? 34  LEU A CB  1 
ATOM   259 C CG  . LEU A 1 34 ? 0.125   3.337   -2.899  1.00 22.23 ? 34  LEU A CG  1 
ATOM   260 C CD1 . LEU A 1 34 ? 1.606   3.506   -3.189  1.00 24.85 ? 34  LEU A CD1 1 
ATOM   261 C CD2 . LEU A 1 34 ? -0.166  3.616   -1.420  1.00 24.72 ? 34  LEU A CD2 1 
ATOM   262 N N   . GLU A 1 35 ? -0.531  2.566   -6.500  1.00 20.04 ? 35  GLU A N   1 
ATOM   263 C CA  . GLU A 1 35 ? -0.032  1.457   -7.323  1.00 14.73 ? 35  GLU A CA  1 
ATOM   264 C C   . GLU A 1 35 ? 0.366   1.876   -8.722  1.00 12.61 ? 35  GLU A C   1 
ATOM   265 O O   . GLU A 1 35 ? 1.152   1.141   -9.338  1.00 13.67 ? 35  GLU A O   1 
ATOM   266 C CB  . GLU A 1 35 ? -1.016  0.287   -7.358  1.00 12.31 ? 35  GLU A CB  1 
ATOM   267 C CG  . GLU A 1 35 ? -1.146  -0.393  -5.988  1.00 14.05 ? 35  GLU A CG  1 
ATOM   268 C CD  . GLU A 1 35 ? -1.837  -1.717  -5.985  1.00 15.48 ? 35  GLU A CD  1 
ATOM   269 O OE1 . GLU A 1 35 ? -2.192  -2.274  -7.001  1.00 18.94 ? 35  GLU A OE1 1 
ATOM   270 O OE2 . GLU A 1 35 ? -1.994  -2.172  -4.839  1.00 16.60 ? 35  GLU A OE2 1 
ATOM   271 N N   . ASN A 1 36 ? -0.086  3.022   -9.181  1.00 15.81 ? 36  ASN A N   1 
ATOM   272 C CA  . ASN A 1 36 ? 0.214   3.600   -10.493 1.00 17.56 ? 36  ASN A CA  1 
ATOM   273 C C   . ASN A 1 36 ? 1.262   4.718   -10.380 1.00 18.62 ? 36  ASN A C   1 
ATOM   274 O O   . ASN A 1 36 ? 1.513   5.486   -11.328 1.00 21.13 ? 36  ASN A O   1 
ATOM   275 C CB  . ASN A 1 36 ? -1.054  4.088   -11.187 1.00 21.19 ? 36  ASN A CB  1 
ATOM   276 C CG  . ASN A 1 36 ? -2.116  3.050   -11.466 1.00 27.57 ? 36  ASN A CG  1 
ATOM   277 O OD1 . ASN A 1 36 ? -1.977  1.846   -11.190 1.00 31.04 ? 36  ASN A OD1 1 
ATOM   278 N ND2 . ASN A 1 36 ? -3.246  3.487   -12.036 1.00 29.07 ? 36  ASN A ND2 1 
ATOM   279 N N   . GLY A 1 37 ? 1.884   4.835   -9.234  1.00 16.50 ? 37  GLY A N   1 
ATOM   280 C CA  . GLY A 1 37 ? 2.903   5.802   -8.880  1.00 16.90 ? 37  GLY A CA  1 
ATOM   281 C C   . GLY A 1 37 ? 2.467   7.254   -8.868  1.00 19.84 ? 37  GLY A C   1 
ATOM   282 O O   . GLY A 1 37 ? 3.334   8.132   -9.010  1.00 21.03 ? 37  GLY A O   1 
ATOM   283 N N   . LYS A 1 38 ? 1.197   7.548   -8.691  1.00 25.55 ? 38  LYS A N   1 
ATOM   284 C CA  . LYS A 1 38 ? 0.647   8.907   -8.668  1.00 27.75 ? 38  LYS A CA  1 
ATOM   285 C C   . LYS A 1 38 ? 0.784   9.593   -7.314  1.00 28.75 ? 38  LYS A C   1 
ATOM   286 O O   . LYS A 1 38 ? 0.833   10.830  -7.251  1.00 30.14 ? 38  LYS A O   1 
ATOM   287 C CB  . LYS A 1 38 ? -0.798  8.977   -9.157  1.00 29.12 ? 38  LYS A CB  1 
ATOM   288 C CG  . LYS A 1 38 ? -0.858  9.185   -10.682 1.00 34.10 ? 38  LYS A CG  1 
ATOM   289 C CD  . LYS A 1 38 ? -2.278  9.085   -11.206 1.00 39.03 ? 38  LYS A CD  1 
ATOM   290 C CE  . LYS A 1 38 ? -2.377  9.127   -12.715 1.00 42.03 ? 38  LYS A CE  1 
ATOM   291 N NZ  . LYS A 1 38 ? -3.758  8.797   -13.160 1.00 43.58 ? 38  LYS A NZ  1 
ATOM   292 N N   . THR A 1 39 ? 0.843   8.811   -6.262  1.00 27.62 ? 39  THR A N   1 
ATOM   293 C CA  . THR A 1 39 ? 0.989   9.306   -4.883  1.00 27.14 ? 39  THR A CA  1 
ATOM   294 C C   . THR A 1 39 ? 2.099   8.475   -4.246  1.00 29.89 ? 39  THR A C   1 
ATOM   295 O O   . THR A 1 39 ? 2.111   7.233   -4.310  1.00 33.16 ? 39  THR A O   1 
ATOM   296 C CB  . THR A 1 39 ? -0.381  9.368   -4.121  1.00 24.36 ? 39  THR A CB  1 
ATOM   297 O OG1 . THR A 1 39 ? -0.910  8.018   -4.090  1.00 24.17 ? 39  THR A OG1 1 
ATOM   298 C CG2 . THR A 1 39 ? -1.439  10.299  -4.741  1.00 24.06 ? 39  THR A CG2 1 
ATOM   299 N N   . LYS A 1 40 ? 3.070   9.170   -3.682  1.00 30.80 ? 40  LYS A N   1 
ATOM   300 C CA  . LYS A 1 40 ? 4.235   8.548   -3.048  1.00 31.19 ? 40  LYS A CA  1 
ATOM   301 C C   . LYS A 1 40 ? 4.241   8.680   -1.537  1.00 29.85 ? 40  LYS A C   1 
ATOM   302 O O   . LYS A 1 40 ? 4.956   7.881   -0.898  1.00 32.91 ? 40  LYS A O   1 
ATOM   303 C CB  . LYS A 1 40 ? 5.538   9.123   -3.609  1.00 33.96 ? 40  LYS A CB  1 
ATOM   304 C CG  . LYS A 1 40 ? 5.834   8.646   -5.036  1.00 37.99 ? 40  LYS A CG  1 
ATOM   305 C CD  . LYS A 1 40 ? 6.631   9.663   -5.829  1.00 40.50 ? 40  LYS A CD  1 
ATOM   306 C CE  . LYS A 1 40 ? 5.830   10.902  -6.171  1.00 41.33 ? 40  LYS A CE  1 
ATOM   307 N NZ  . LYS A 1 40 ? 4.931   10.678  -7.328  1.00 39.92 ? 40  LYS A NZ  1 
ATOM   308 N N   . ARG A 1 41 ? 3.494   9.639   -1.016  1.00 23.56 ? 41  ARG A N   1 
ATOM   309 C CA  . ARG A 1 41 ? 3.437   9.863   0.438   1.00 20.06 ? 41  ARG A CA  1 
ATOM   310 C C   . ARG A 1 41 ? 2.029   10.100  0.965   1.00 17.58 ? 41  ARG A C   1 
ATOM   311 O O   . ARG A 1 41 ? 1.698   11.201  1.421   1.00 14.48 ? 41  ARG A O   1 
ATOM   312 C CB  . ARG A 1 41 ? 4.334   11.053  0.826   1.00 18.56 ? 41  ARG A CB  1 
ATOM   313 C CG  . ARG A 1 41 ? 5.701   11.059  0.162   1.00 19.28 ? 41  ARG A CG  1 
ATOM   314 C CD  . ARG A 1 41 ? 6.717   11.838  0.909   1.00 16.90 ? 41  ARG A CD  1 
ATOM   315 N NE  . ARG A 1 41 ? 6.948   11.297  2.233   1.00 15.91 ? 41  ARG A NE  1 
ATOM   316 C CZ  . ARG A 1 41 ? 7.944   10.515  2.624   1.00 12.54 ? 41  ARG A CZ  1 
ATOM   317 N NH1 . ARG A 1 41 ? 8.027   10.086  3.880   1.00 13.85 ? 41  ARG A NH1 1 
ATOM   318 N NH2 . ARG A 1 41 ? 8.886   10.151  1.769   1.00 14.24 ? 41  ARG A NH2 1 
ATOM   319 N N   . PRO A 1 42 ? 1.210   9.059   0.912   1.00 18.90 ? 42  PRO A N   1 
ATOM   320 C CA  . PRO A 1 42 ? -0.178  9.142   1.387   1.00 17.94 ? 42  PRO A CA  1 
ATOM   321 C C   . PRO A 1 42 ? -0.181  9.461   2.874   1.00 19.56 ? 42  PRO A C   1 
ATOM   322 O O   . PRO A 1 42 ? 0.846   9.275   3.547   1.00 21.30 ? 42  PRO A O   1 
ATOM   323 C CB  . PRO A 1 42 ? -0.790  7.800   1.022   1.00 15.28 ? 42  PRO A CB  1 
ATOM   324 C CG  . PRO A 1 42 ? 0.376   6.865   0.932   1.00 18.30 ? 42  PRO A CG  1 
ATOM   325 C CD  . PRO A 1 42 ? 1.526   7.718   0.402   1.00 19.07 ? 42  PRO A CD  1 
ATOM   326 N N   . ARG A 1 43 ? -1.323  9.915   3.357   1.00 21.61 ? 43  ARG A N   1 
ATOM   327 C CA  . ARG A 1 43 ? -1.495  10.272  4.771   1.00 22.55 ? 43  ARG A CA  1 
ATOM   328 C C   . ARG A 1 43 ? -1.547  9.003   5.620   1.00 19.44 ? 43  ARG A C   1 
ATOM   329 O O   . ARG A 1 43 ? -1.174  9.021   6.798   1.00 20.31 ? 43  ARG A O   1 
ATOM   330 C CB  . ARG A 1 43 ? -2.734  11.134  5.005   1.00 23.36 ? 43  ARG A CB  1 
ATOM   331 C CG  . ARG A 1 43 ? -4.064  10.548  4.570   1.00 26.49 ? 43  ARG A CG  1 
ATOM   332 C CD  . ARG A 1 43 ? -4.693  9.730   5.636   1.00 32.47 ? 43  ARG A CD  1 
ATOM   333 N NE  . ARG A 1 43 ? -5.886  9.006   5.223   1.00 34.75 ? 43  ARG A NE  1 
ATOM   334 C CZ  . ARG A 1 43 ? -6.521  8.129   6.005   1.00 32.56 ? 43  ARG A CZ  1 
ATOM   335 N NH1 . ARG A 1 43 ? -6.097  7.856   7.232   1.00 32.07 ? 43  ARG A NH1 1 
ATOM   336 N NH2 . ARG A 1 43 ? -7.606  7.524   5.532   1.00 31.91 ? 43  ARG A NH2 1 
ATOM   337 N N   . PHE A 1 44 ? -1.991  7.943   4.976   1.00 13.33 ? 44  PHE A N   1 
ATOM   338 C CA  . PHE A 1 44 ? -2.152  6.638   5.620   1.00 14.43 ? 44  PHE A CA  1 
ATOM   339 C C   . PHE A 1 44 ? -0.961  5.699   5.550   1.00 12.92 ? 44  PHE A C   1 
ATOM   340 O O   . PHE A 1 44 ? -1.240  4.483   5.515   1.00 16.60 ? 44  PHE A O   1 
ATOM   341 C CB  . PHE A 1 44 ? -3.417  5.968   5.048   1.00 13.29 ? 44  PHE A CB  1 
ATOM   342 C CG  . PHE A 1 44 ? -3.428  5.864   3.550   1.00 15.96 ? 44  PHE A CG  1 
ATOM   343 C CD1 . PHE A 1 44 ? -4.195  6.742   2.782   1.00 16.82 ? 44  PHE A CD1 1 
ATOM   344 C CD2 . PHE A 1 44 ? -2.659  4.897   2.899   1.00 14.98 ? 44  PHE A CD2 1 
ATOM   345 C CE1 . PHE A 1 44 ? -4.206  6.653   1.398   1.00 14.43 ? 44  PHE A CE1 1 
ATOM   346 C CE2 . PHE A 1 44 ? -2.672  4.784   1.511   1.00 12.56 ? 44  PHE A CE2 1 
ATOM   347 C CZ  . PHE A 1 44 ? -3.447  5.679   0.757   1.00 10.81 ? 44  PHE A CZ  1 
ATOM   348 N N   . LEU A 1 45 ? 0.267   6.149   5.581   1.00 10.69 ? 45  LEU A N   1 
ATOM   349 C CA  . LEU A 1 45 ? 1.430   5.256   5.513   1.00 13.39 ? 45  LEU A CA  1 
ATOM   350 C C   . LEU A 1 45 ? 1.549   4.253   6.647   1.00 13.78 ? 45  LEU A C   1 
ATOM   351 O O   . LEU A 1 45 ? 1.852   3.084   6.352   1.00 16.82 ? 45  LEU A O   1 
ATOM   352 C CB  . LEU A 1 45 ? 2.709   6.066   5.265   1.00 14.61 ? 45  LEU A CB  1 
ATOM   353 C CG  . LEU A 1 45 ? 3.055   6.444   3.839   1.00 10.89 ? 45  LEU A CG  1 
ATOM   354 C CD1 . LEU A 1 45 ? 3.967   7.665   3.809   1.00 12.93 ? 45  LEU A CD1 1 
ATOM   355 C CD2 . LEU A 1 45 ? 3.764   5.262   3.188   1.00 12.44 ? 45  LEU A CD2 1 
ATOM   356 N N   . PRO A 1 46 ? 1.351   4.660   7.881   1.00 14.49 ? 46  PRO A N   1 
ATOM   357 C CA  . PRO A 1 46 ? 1.432   3.778   9.046   1.00 13.53 ? 46  PRO A CA  1 
ATOM   358 C C   . PRO A 1 46 ? 0.386   2.671   8.985   1.00 11.37 ? 46  PRO A C   1 
ATOM   359 O O   . PRO A 1 46 ? 0.688   1.523   9.372   1.00 10.52 ? 46  PRO A O   1 
ATOM   360 C CB  . PRO A 1 46 ? 1.268   4.704   10.256  1.00 12.26 ? 46  PRO A CB  1 
ATOM   361 C CG  . PRO A 1 46 ? 1.689   6.046   9.690   1.00 14.09 ? 46  PRO A CG  1 
ATOM   362 C CD  . PRO A 1 46 ? 1.018   6.037   8.306   1.00 15.98 ? 46  PRO A CD  1 
ATOM   363 N N   . GLU A 1 47 ? -0.811  2.990   8.526   1.00 10.11 ? 47  GLU A N   1 
ATOM   364 C CA  . GLU A 1 47 ? -1.900  2.012   8.398   1.00 11.92 ? 47  GLU A CA  1 
ATOM   365 C C   . GLU A 1 47 ? -1.631  1.054   7.226   1.00 10.96 ? 47  GLU A C   1 
ATOM   366 O O   . GLU A 1 47 ? -2.065  -0.108  7.253   1.00 11.02 ? 47  GLU A O   1 
ATOM   367 C CB  . GLU A 1 47 ? -3.275  2.586   8.106   1.00 11.85 ? 47  GLU A CB  1 
ATOM   368 C CG  . GLU A 1 47 ? -3.889  3.584   9.083   1.00 15.62 ? 47  GLU A CG  1 
ATOM   369 C CD  . GLU A 1 47 ? -3.361  4.977   8.933   1.00 19.64 ? 47  GLU A CD  1 
ATOM   370 O OE1 . GLU A 1 47 ? -2.195  5.285   9.028   1.00 21.67 ? 47  GLU A OE1 1 
ATOM   371 O OE2 . GLU A 1 47 ? -4.250  5.807   8.675   1.00 26.79 ? 47  GLU A OE2 1 
ATOM   372 N N   . LEU A 1 48 ? -0.949  1.568   6.216   1.00 10.90 ? 48  LEU A N   1 
ATOM   373 C CA  . LEU A 1 48 ? -0.618  0.775   5.017   1.00 10.16 ? 48  LEU A CA  1 
ATOM   374 C C   . LEU A 1 48 ? 0.434   -0.269  5.374   1.00 11.45 ? 48  LEU A C   1 
ATOM   375 O O   . LEU A 1 48 ? 0.315   -1.427  4.934   1.00 10.17 ? 48  LEU A O   1 
ATOM   376 C CB  . LEU A 1 48 ? -0.227  1.698   3.877   1.00 7.66  ? 48  LEU A CB  1 
ATOM   377 C CG  . LEU A 1 48 ? 0.125   1.086   2.539   1.00 8.21  ? 48  LEU A CG  1 
ATOM   378 C CD1 . LEU A 1 48 ? -1.039  0.281   1.966   1.00 7.70  ? 48  LEU A CD1 1 
ATOM   379 C CD2 . LEU A 1 48 ? 0.495   2.232   1.603   1.00 8.45  ? 48  LEU A CD2 1 
ATOM   380 N N   . ALA A 1 49 ? 1.406   0.173   6.163   1.00 9.54  ? 49  ALA A N   1 
ATOM   381 C CA  . ALA A 1 49 ? 2.491   -0.718  6.593   1.00 10.59 ? 49  ALA A CA  1 
ATOM   382 C C   . ALA A 1 49 ? 1.962   -1.877  7.426   1.00 12.04 ? 49  ALA A C   1 
ATOM   383 O O   . ALA A 1 49 ? 2.408   -3.016  7.257   1.00 15.56 ? 49  ALA A O   1 
ATOM   384 C CB  . ALA A 1 49 ? 3.570   0.015   7.365   1.00 10.41 ? 49  ALA A CB  1 
ATOM   385 N N   . SER A 1 50 ? 1.052   -1.567  8.315   1.00 14.84 ? 50  SER A N   1 
ATOM   386 C CA  . SER A 1 50 ? 0.406   -2.495  9.242   1.00 14.25 ? 50  SER A CA  1 
ATOM   387 C C   . SER A 1 50 ? -0.472  -3.516  8.532   1.00 9.58  ? 50  SER A C   1 
ATOM   388 O O   . SER A 1 50 ? -0.424  -4.705  8.889   1.00 10.51 ? 50  SER A O   1 
ATOM   389 C CB  . SER A 1 50 ? -0.336  -1.710  10.321  1.00 19.05 ? 50  SER A CB  1 
ATOM   390 O OG  . SER A 1 50 ? -1.163  -2.563  11.092  1.00 25.87 ? 50  SER A OG  1 
ATOM   391 N N   . ALA A 1 51 ? -1.254  -3.079  7.569   1.00 7.24  ? 51  ALA A N   1 
ATOM   392 C CA  . ALA A 1 51 ? -2.128  -3.952  6.782   1.00 9.84  ? 51  ALA A CA  1 
ATOM   393 C C   . ALA A 1 51 ? -1.335  -4.905  5.892   1.00 11.37 ? 51  ALA A C   1 
ATOM   394 O O   . ALA A 1 51 ? -1.819  -6.009  5.568   1.00 12.37 ? 51  ALA A O   1 
ATOM   395 C CB  . ALA A 1 51 ? -3.089  -3.080  5.973   1.00 9.33  ? 51  ALA A CB  1 
ATOM   396 N N   . LEU A 1 52 ? -0.138  -4.512  5.490   1.00 12.57 ? 52  LEU A N   1 
ATOM   397 C CA  . LEU A 1 52 ? 0.777   -5.270  4.643   1.00 10.96 ? 52  LEU A CA  1 
ATOM   398 C C   . LEU A 1 52 ? 1.789   -6.088  5.452   1.00 11.30 ? 52  LEU A C   1 
ATOM   399 O O   . LEU A 1 52 ? 2.558   -6.881  4.882   1.00 11.51 ? 52  LEU A O   1 
ATOM   400 C CB  . LEU A 1 52 ? 1.479   -4.352  3.627   1.00 8.41  ? 52  LEU A CB  1 
ATOM   401 C CG  . LEU A 1 52 ? 0.604   -3.688  2.571   1.00 7.71  ? 52  LEU A CG  1 
ATOM   402 C CD1 . LEU A 1 52 ? 1.459   -2.925  1.577   1.00 6.77  ? 52  LEU A CD1 1 
ATOM   403 C CD2 . LEU A 1 52 ? -0.246  -4.753  1.887   1.00 9.87  ? 52  LEU A CD2 1 
ATOM   404 N N   . GLY A 1 53 ? 1.789   -5.898  6.756   1.00 11.13 ? 53  GLY A N   1 
ATOM   405 C CA  . GLY A 1 53 ? 2.697   -6.603  7.658   1.00 9.72  ? 53  GLY A CA  1 
ATOM   406 C C   . GLY A 1 53 ? 4.151   -6.255  7.390   1.00 13.46 ? 53  GLY A C   1 
ATOM   407 O O   . GLY A 1 53 ? 5.026   -7.139  7.451   1.00 16.62 ? 53  GLY A O   1 
ATOM   408 N N   . VAL A 1 54 ? 4.389   -4.987  7.109   1.00 13.30 ? 54  VAL A N   1 
ATOM   409 C CA  . VAL A 1 54 ? 5.719   -4.450  6.834   1.00 14.87 ? 54  VAL A CA  1 
ATOM   410 C C   . VAL A 1 54 ? 5.939   -3.139  7.613   1.00 15.20 ? 54  VAL A C   1 
ATOM   411 O O   . VAL A 1 54 ? 5.018   -2.586  8.214   1.00 17.84 ? 54  VAL A O   1 
ATOM   412 C CB  . VAL A 1 54 ? 5.983   -4.256  5.327   1.00 13.52 ? 54  VAL A CB  1 
ATOM   413 C CG1 . VAL A 1 54 ? 6.198   -5.549  4.565   1.00 9.80  ? 54  VAL A CG1 1 
ATOM   414 C CG2 . VAL A 1 54 ? 4.901   -3.428  4.650   1.00 14.94 ? 54  VAL A CG2 1 
ATOM   415 N N   . SER A 1 55 ? 7.173   -2.681  7.544   1.00 12.66 ? 55  SER A N   1 
ATOM   416 C CA  . SER A 1 55 ? 7.612   -1.439  8.175   1.00 15.66 ? 55  SER A CA  1 
ATOM   417 C C   . SER A 1 55 ? 7.378   -0.316  7.164   1.00 15.68 ? 55  SER A C   1 
ATOM   418 O O   . SER A 1 55 ? 7.231   -0.592  5.963   1.00 16.01 ? 55  SER A O   1 
ATOM   419 C CB  . SER A 1 55 ? 9.108   -1.472  8.471   1.00 17.61 ? 55  SER A CB  1 
ATOM   420 O OG  . SER A 1 55 ? 9.745   -1.609  7.198   1.00 23.90 ? 55  SER A OG  1 
ATOM   421 N N   . VAL A 1 56 ? 7.375   0.897   7.683   1.00 15.35 ? 56  VAL A N   1 
ATOM   422 C CA  . VAL A 1 56 ? 7.185   2.075   6.815   1.00 17.51 ? 56  VAL A CA  1 
ATOM   423 C C   . VAL A 1 56 ? 8.458   2.324   6.005   1.00 14.86 ? 56  VAL A C   1 
ATOM   424 O O   . VAL A 1 56 ? 8.396   2.713   4.837   1.00 12.40 ? 56  VAL A O   1 
ATOM   425 C CB  . VAL A 1 56 ? 6.685   3.257   7.666   1.00 17.63 ? 56  VAL A CB  1 
ATOM   426 C CG1 . VAL A 1 56 ? 6.808   4.574   6.921   1.00 19.62 ? 56  VAL A CG1 1 
ATOM   427 C CG2 . VAL A 1 56 ? 5.269   2.985   8.128   1.00 14.52 ? 56  VAL A CG2 1 
ATOM   428 N N   . ASP A 1 57 ? 9.596   2.085   6.621   1.00 18.40 ? 57  ASP A N   1 
ATOM   429 C CA  . ASP A 1 57 ? 10.922  2.245   6.016   1.00 22.89 ? 57  ASP A CA  1 
ATOM   430 C C   . ASP A 1 57 ? 11.005  1.380   4.751   1.00 21.60 ? 57  ASP A C   1 
ATOM   431 O O   . ASP A 1 57 ? 11.341  1.871   3.665   1.00 21.54 ? 57  ASP A O   1 
ATOM   432 C CB  . ASP A 1 57 ? 12.012  1.938   7.040   1.00 28.84 ? 57  ASP A CB  1 
ATOM   433 C CG  . ASP A 1 57 ? 12.291  3.115   7.964   1.00 34.48 ? 57  ASP A CG  1 
ATOM   434 O OD1 . ASP A 1 57 ? 11.801  4.229   7.711   1.00 35.80 ? 57  ASP A OD1 1 
ATOM   435 O OD2 . ASP A 1 57 ? 13.031  2.887   8.948   1.00 36.09 ? 57  ASP A OD2 1 
ATOM   436 N N   . TRP A 1 58 ? 10.677  0.110   4.912   1.00 20.08 ? 58  TRP A N   1 
ATOM   437 C CA  . TRP A 1 58 ? 10.691  -0.844  3.800   1.00 14.70 ? 58  TRP A CA  1 
ATOM   438 C C   . TRP A 1 58 ? 9.830   -0.340  2.646   1.00 10.58 ? 58  TRP A C   1 
ATOM   439 O O   . TRP A 1 58 ? 10.333  -0.356  1.518   1.00 14.12 ? 58  TRP A O   1 
ATOM   440 C CB  . TRP A 1 58 ? 10.331  -2.277  4.189   1.00 14.07 ? 58  TRP A CB  1 
ATOM   441 C CG  . TRP A 1 58 ? 10.431  -3.179  2.991   1.00 19.00 ? 58  TRP A CG  1 
ATOM   442 C CD1 . TRP A 1 58 ? 11.562  -3.713  2.442   1.00 19.09 ? 58  TRP A CD1 1 
ATOM   443 C CD2 . TRP A 1 58 ? 9.340   -3.620  2.172   1.00 20.00 ? 58  TRP A CD2 1 
ATOM   444 N NE1 . TRP A 1 58 ? 11.243  -4.461  1.333   1.00 21.33 ? 58  TRP A NE1 1 
ATOM   445 C CE2 . TRP A 1 58 ? 9.893   -4.423  1.148   1.00 21.89 ? 58  TRP A CE2 1 
ATOM   446 C CE3 . TRP A 1 58 ? 7.965   -3.417  2.212   1.00 19.52 ? 58  TRP A CE3 1 
ATOM   447 C CZ2 . TRP A 1 58 ? 9.100   -5.025  0.181   1.00 22.48 ? 58  TRP A CZ2 1 
ATOM   448 C CZ3 . TRP A 1 58 ? 7.174   -4.002  1.245   1.00 17.51 ? 58  TRP A CZ3 1 
ATOM   449 C CH2 . TRP A 1 58 ? 7.729   -4.805  0.250   1.00 19.90 ? 58  TRP A CH2 1 
ATOM   450 N N   . LEU A 1 59 ? 8.613   0.083   2.891   1.00 12.89 ? 59  LEU A N   1 
ATOM   451 C CA  . LEU A 1 59 ? 7.701   0.574   1.851   1.00 11.82 ? 59  LEU A CA  1 
ATOM   452 C C   . LEU A 1 59 ? 8.304   1.691   1.004   1.00 12.83 ? 59  LEU A C   1 
ATOM   453 O O   . LEU A 1 59 ? 8.325   1.642   -0.224  1.00 17.70 ? 59  LEU A O   1 
ATOM   454 C CB  . LEU A 1 59 ? 6.388   1.038   2.497   1.00 9.74  ? 59  LEU A CB  1 
ATOM   455 C CG  . LEU A 1 59 ? 5.333   0.018   2.861   1.00 13.65 ? 59  LEU A CG  1 
ATOM   456 C CD1 . LEU A 1 59 ? 4.087   0.690   3.432   1.00 12.31 ? 59  LEU A CD1 1 
ATOM   457 C CD2 . LEU A 1 59 ? 4.954   -0.756  1.600   1.00 16.13 ? 59  LEU A CD2 1 
ATOM   458 N N   . LEU A 1 60 ? 8.776   2.703   1.690   1.00 18.59 ? 60  LEU A N   1 
ATOM   459 C CA  . LEU A 1 60 ? 9.365   3.910   1.136   1.00 22.71 ? 60  LEU A CA  1 
ATOM   460 C C   . LEU A 1 60 ? 10.746  3.784   0.516   1.00 24.23 ? 60  LEU A C   1 
ATOM   461 O O   . LEU A 1 60 ? 10.963  4.378   -0.553  1.00 26.74 ? 60  LEU A O   1 
ATOM   462 C CB  . LEU A 1 60 ? 9.336   4.967   2.271   1.00 20.64 ? 60  LEU A CB  1 
ATOM   463 C CG  . LEU A 1 60 ? 7.976   5.450   2.747   1.00 17.97 ? 60  LEU A CG  1 
ATOM   464 C CD1 . LEU A 1 60 ? 8.097   6.441   3.896   1.00 16.85 ? 60  LEU A CD1 1 
ATOM   465 C CD2 . LEU A 1 60 ? 7.236   6.110   1.592   1.00 17.37 ? 60  LEU A CD2 1 
ATOM   466 N N   . ASN A 1 61 ? 11.648  3.078   1.161   1.00 26.75 ? 61  ASN A N   1 
ATOM   467 C CA  . ASN A 1 61 ? 13.033  2.931   0.696   1.00 28.01 ? 61  ASN A CA  1 
ATOM   468 C C   . ASN A 1 61 ? 13.431  1.591   0.101   1.00 27.02 ? 61  ASN A C   1 
ATOM   469 O O   . ASN A 1 61 ? 14.330  1.557   -0.761  1.00 23.58 ? 61  ASN A O   1 
ATOM   470 C CB  . ASN A 1 61 ? 13.938  3.370   1.872   1.00 27.50 ? 61  ASN A CB  1 
ATOM   471 C CG  . ASN A 1 61 ? 13.487  4.730   2.394   1.00 30.82 ? 61  ASN A CG  1 
ATOM   472 O OD1 . ASN A 1 61 ? 13.124  5.611   1.593   1.00 31.92 ? 61  ASN A OD1 1 
ATOM   473 N ND2 . ASN A 1 61 ? 13.489  4.904   3.715   1.00 30.53 ? 61  ASN A ND2 1 
ATOM   474 N N   . GLY A 1 62 ? 12.812  0.517   0.534   1.00 27.84 ? 62  GLY A N   1 
ATOM   475 C CA  . GLY A 1 62 ? 13.093  -0.838  0.059   1.00 27.53 ? 62  GLY A CA  1 
ATOM   476 C C   . GLY A 1 62 ? 14.263  -1.441  0.815   1.00 30.04 ? 62  GLY A C   1 
ATOM   477 O O   . GLY A 1 62 ? 14.917  -2.378  0.335   1.00 33.21 ? 62  GLY A O   1 
ATOM   478 N N   . THR A 1 63 ? 14.530  -0.902  1.991   1.00 31.98 ? 63  THR A N   1 
ATOM   479 C CA  . THR A 1 63 ? 15.622  -1.356  2.860   1.00 30.24 ? 63  THR A CA  1 
ATOM   480 C C   . THR A 1 63 ? 15.216  -1.221  4.332   1.00 26.10 ? 63  THR A C   1 
ATOM   481 O O   . THR A 1 63 ? 15.609  -0.111  4.796   1.00 33.81 ? 63  THR A O   1 
ATOM   482 C CB  . THR A 1 63 ? 16.966  -0.561  2.635   1.00 33.62 ? 63  THR A CB  1 
ATOM   483 O OG1 . THR A 1 63 ? 17.298  -0.719  1.220   1.00 39.24 ? 63  THR A OG1 1 
ATOM   484 C CG2 . THR A 1 63 ? 18.128  -0.998  3.531   1.00 33.76 ? 63  THR A CG2 1 
HETATM 485 O O   . HOH B 2 .  ? -7.621  10.445  -4.030  1.00 36.38 ? 100 HOH A O   1 
HETATM 486 O O   . HOH B 2 .  ? 9.951   -4.872  6.970   1.00 24.05 ? 101 HOH A O   1 
HETATM 487 O O   . HOH B 2 .  ? 15.103  3.622   4.817   1.00 42.58 ? 102 HOH A O   1 
HETATM 488 O O   . HOH B 2 .  ? 1.598   -15.056 2.494   1.00 8.99  ? 103 HOH A O   1 
HETATM 489 O O   . HOH B 2 .  ? 3.911   -15.949 2.193   1.00 15.94 ? 104 HOH A O   1 
HETATM 490 O O   . HOH B 2 .  ? -6.257  -12.467 1.977   1.00 13.34 ? 105 HOH A O   1 
HETATM 491 O O   . HOH B 2 .  ? -10.683 -4.811  -6.173  1.00 18.45 ? 106 HOH A O   1 
HETATM 492 O O   . HOH B 2 .  ? -12.725 -10.004 1.004   1.00 34.75 ? 107 HOH A O   1 
HETATM 493 O O   . HOH B 2 .  ? 1.728   9.114   6.871   1.00 20.30 ? 108 HOH A O   1 
HETATM 494 O O   . HOH B 2 .  ? -4.567  -10.995 -4.881  1.00 28.98 ? 109 HOH A O   1 
HETATM 495 O O   . HOH B 2 .  ? -8.781  -11.812 -3.076  1.00 22.41 ? 110 HOH A O   1 
HETATM 496 O O   . HOH B 2 .  ? 3.186   5.917   -5.838  1.00 28.08 ? 111 HOH A O   1 
HETATM 497 O O   . HOH B 2 .  ? 15.668  -4.778  0.933   1.00 31.18 ? 112 HOH A O   1 
HETATM 498 O O   . HOH B 2 .  ? 6.326   -9.494  7.338   1.00 37.15 ? 113 HOH A O   1 
HETATM 499 O O   . HOH B 2 .  ? -7.304  -5.695  -7.230  1.00 26.43 ? 114 HOH A O   1 
HETATM 500 O O   . HOH B 2 .  ? -11.183 5.133   7.513   1.00 23.01 ? 115 HOH A O   1 
HETATM 501 O O   . HOH B 2 .  ? 13.789  -4.932  4.791   1.00 31.39 ? 116 HOH A O   1 
HETATM 502 O O   . HOH B 2 .  ? 6.027   7.768   -10.883 1.00 24.33 ? 117 HOH A O   1 
HETATM 503 O O   . HOH B 2 .  ? 10.983  -2.417  -5.701  1.00 42.61 ? 118 HOH A O   1 
HETATM 504 O O   . HOH B 2 .  ? 2.489   1.121   10.942  1.00 29.95 ? 119 HOH A O   1 
HETATM 505 O O   . HOH B 2 .  ? -12.570 -2.309  -6.876  1.00 29.94 ? 121 HOH A O   1 
HETATM 506 O O   . HOH B 2 .  ? -12.185 3.168   8.392   1.00 40.42 ? 122 HOH A O   1 
HETATM 507 O O   . HOH B 2 .  ? 8.915   5.500   -3.062  1.00 45.93 ? 124 HOH A O   1 
HETATM 508 O O   . HOH B 2 .  ? 5.471   -5.754  -8.373  1.00 35.84 ? 126 HOH A O   1 
HETATM 509 O O   . HOH B 2 .  ? 12.083  -3.100  -3.325  1.00 24.31 ? 127 HOH A O   1 
HETATM 510 O O   . HOH B 2 .  ? -9.465  -10.260 -6.803  1.00 46.48 ? 128 HOH A O   1 
HETATM 511 O O   . HOH B 2 .  ? -8.267  -11.872 0.803   1.00 26.29 ? 129 HOH A O   1 
HETATM 512 O O   . HOH B 2 .  ? 7.612   7.221   -2.018  1.00 40.15 ? 130 HOH A O   1 
HETATM 513 O O   . HOH B 2 .  ? 12.889  2.196   -3.133  1.00 25.29 ? 133 HOH A O   1 
HETATM 514 O O   . HOH B 2 .  ? 8.124   -9.006  -5.601  1.00 26.52 ? 134 HOH A O   1 
HETATM 515 O O   . HOH B 2 .  ? -10.457 -9.220  3.070   1.00 28.88 ? 136 HOH A O   1 
HETATM 516 O O   . HOH B 2 .  ? -8.899  -10.519 4.555   1.00 41.82 ? 138 HOH A O   1 
HETATM 517 O O   . HOH B 2 .  ? 10.414  2.018   10.411  1.00 62.52 ? 142 HOH A O   1 
HETATM 518 O O   . HOH B 2 .  ? 3.999   -4.239  10.110  1.00 35.86 ? 143 HOH A O   1 
# 
